data_8YQX
#
_entry.id   8YQX
#
_cell.length_a   1.00
_cell.length_b   1.00
_cell.length_c   1.00
_cell.angle_alpha   90.00
_cell.angle_beta   90.00
_cell.angle_gamma   90.00
#
_symmetry.space_group_name_H-M   'P 1'
#
loop_
_entity.id
_entity.type
_entity.pdbx_description
1 polymer 'DNA-directed RNA polymerase subunit'
2 polymer D339L
3 polymer M1249L
#
loop_
_entity_poly.entity_id
_entity_poly.type
_entity_poly.pdbx_seq_one_letter_code
_entity_poly.pdbx_strand_id
1 'polypeptide(L)'
;MEAGYAEIAAVQFNIAGDNDHKRQGVMEVTISNLFEGTLPAEGGIYDARMGTTDHHYKCITCSHQRKQCMGHPGILQMHA
PVLQPLFIAEIRRWLRVICLNCGAPIVDLKRYEHLIRPKRLIEAASSQTEGKQCYVCKAVHPKIVKDSEDYFTFWADQQG
KIDKLYPQIIREIFSRVTYDTVVKLGRSKNSHPEKLVLKAIQIPPISIRPGIRLGIGSGPQSFHDINNVIQYLVRKNLLI
PKDLQIVRGQKIPLNIDRNLQTIQQLYYNFLLDSVSTTATQGGTGKRGIVMGARPAPSIMRRLPRKEGRIRKSLLGSQVW
SISRSTICGNSDLHLDEVGYPISFARTLQVAETVQHYNINRLMPYFLNGKRQYPGCSRVYKQITQSVHDIEGLKQDFRLE
VGDILYRDVVTGDVAFFNRQPSLERSSIGVHRIVVLENPKISTFQMNVSACAWYNADFDGDQMNLWVPWSVMSRVEAELL
CSVRNWFISTKSSGPVNGQVQDSTVGSFLLTRTNTPMGKNVMNKLHAMGLFQTTQTDPPCFANYSPTDLLDGKSVVSMLL
RQTPINYQRAPTWYSEVYAPYMHYNKQDISTQIRNGELIEGVLDKKAVGAGSSGGIYHLISRRYGPQQALKMIFATQQLA
LNYVRNAGFTVSTADMLLTPEAHQEVQEIINELLLESEEINNRLLHGDIMPPIGLTTHDFYEKLQLNALKFPDRILKPIM
NSINPETNGLFQMVATGAKGSNPNMIHIMAGIGQIEINTQRIQPQFSFGRTLVYYPRFALEAQAYGFICNSYIAGLTSPE
FIFGEMNGRFDLINKALSTSSTGYANRKAIFGLQSCIVDYYRRVSIDTRLVQQLYGEDGLDARQLETVRFETIMLSDQEL
EDKFKYTGIQSPLFEEEFSRLKKDRDKYRQIFLNVENFNFSQLLTDVRQVPVNVASIVKNILLSSTSGVLPFDEKSILQK
YAMVKTFCKNLPYVFINNIQERLQTPIPVYLKRAASLMRMLIRIELATVKTLNITCEQMSAILDLIRLQYTQSLINYGEA
VGILAAQSVSEPLTQYMLDSHHRSVAGGTNKSGIVRPQEIFSAKPVEAEQSSEMLLRLKNPEVETNKTYAQEIANSIELI
TFERLILQWHLLYETYSSTKKNVMYPDFASDVEWMTDFLENHPLLQPPEDIANWCIRLELNKTTMILKSISLESIINSLR
AKHPNTYIMHSVENTASGIPIIIRIYLRESAFRRSTNTRMATDEKIAVNVVDKLLNSTIRGIPGIKNANVVKLMRHRVDA
QGKLVRLDNIYAIKTNGTNIFGAMLDDNIDPYTIVSSSIGDTMELYGIEAARQKIISEIRTVMGDKGPNHRHLLMYADLM
TRTGQVTSLEKAGLNAREPSNVLLRMALSSPVQVLTDAAVDSAVNPIYGIAAPTLMGSVPRIGTMYSDIIMDEKYITENY
KSVDSLIDML
;
A
2 'polypeptide(L)'
;MIDQKIFETTLNIDDPTNFCTNVEAHLLKELENIYVGKCFKNSFILNITGVIQRSPCFIMRTNNSGRGYMHVRFSAVVSY
LNAFDLIAAVKIIKNDSNIILGESLLTEPVTIVIPSSESQNNVAEVGQIVPVQLANSSVYYIPGRQQASATGSIFIPKHT
FSVYHVQEELTQEQALNLTKLVNIIEMLLESRSKKDFKQICFFEKLYYTYSISSDEILDLKIWKGPKGKEMSRLKPCNVL
SFLYDALKNKNSSLGFWARPPNLLKSSPLAYQQDQNSFNATELPIICSAEVMFVTLLKEIINYLQFINDLCDTFNNEQLI
KRHENIWMLIEQRKIGHDF
;
F
3 'polypeptide(L)'
;MEEVITIAQIVHRGTDILSLNNEEIEALVDEIYSTLKGSNDIKNIRLIDFLFTLKDFVNHVRAEQSKLPDLSMPIEAYIR
QLLVDPDVVPIVSEKKKELRVRPSTRKEIFLINGTHLAVPAEAPIEIYGLKLRLKTFSPQCFMRMAEIGSFSPETLGYVA
SGANLTNFIRVFMKCVDQETWKKNGEGVVVTTKENIIQFTHQYIELYKFLRSGGHSWLINRLAEEMVHRKLDREDQGSHI
SNIVETEEIEPEENIKRVIFFLKELSTMYSVSPVFTSGYMPLLYDLYRAGYLEVLWNPVEQKFLQHAEQREKEQMILQQV
DMKLTEVITQARQYFKIMEEKIGRVQSDAIREILTMEGKVDDPNSILQEVIKACGKQEAELITTEYLNIKKQWELQEKNA
CAHLKLVKQLRSGLQYAELLKVLESIRVLYKEKNNTTNWNLCKACGFKLLCPHVDMLIQLQAAEASYDTMRTKLMKFSGI
NKEKENNQGLIYSYFCKICGEELAHFIQEDRTADVGIIGDLNSKLRVFIWQETMKACTFIHFGKLVDVKQFANIAVNVCL
PLVYSIENIKKEEDYDPLTQLYAVIYIYAYILNLIYSSQKNKEFLTITIHGMKADSSLNAYVTFLLEKMMQQYSGIINQL
SEITDQWIANNFREAFKKIIHQNGLQGLSVQDDTKVLLTEILLDPMYDYAATVARIDGSIPMHKPRTPKEAEYEFKTVIG
RTPAELLSQKEFYDKIYTSKYRPDFTQLTRLNDIYFQEESLRVWWGGRDEEKTSTLIYLRAYELFLKYLQNAPNFNSELA
EFKTYENAYGEQKALLAQQGFYNIFDPNTGRADQRTRLFEYKRLPISTLYDERGLPHKWTIYVYKAVDSSQKPAEIEVTR
KDVIKKIDNHYALADLRCSVCHVLQHEVGQLNIKKVQTALKASLEFNTFYAFYESRCPKGGLHDFQDKKCVKCGLFTYII
YDHLSQPELVHDYYNNYKDQYDKEKMSIRSIQIKKDMTTPSTETQPKPPQEPWTFDYGKIIKTAKILDISPAVIEAIGAM
EGRSYADIREGQGAPPPPTSMDDPRLMAVDSAVRIFLYNYNCLRHVSTFNKPPIHVERLVKHLSYEEKEDLEKVLPNVVN
EYHTTFKHLRVTDPASALLYSIEFLCISFLTLYEIKEPSWVVNIVREFALTELNTIIQSEKLLSKPGAFNFMIFGEDFVC
SGEDSSMDDISAYSSPGLFGEDIIDRLDDPFSIEDVDISLDVLDNLAPQ
;
J
#
# COMPACT_ATOMS: atom_id res chain seq x y z
N MET A 1 20.85 -5.27 13.78
CA MET A 1 19.49 -5.50 14.23
C MET A 1 19.40 -6.76 15.08
N GLU A 2 18.62 -6.69 16.16
CA GLU A 2 18.45 -7.81 17.07
C GLU A 2 16.97 -8.01 17.37
N ALA A 3 16.60 -9.26 17.64
CA ALA A 3 15.21 -9.58 17.98
C ALA A 3 15.06 -9.58 19.49
N GLY A 4 14.19 -8.70 20.00
CA GLY A 4 14.00 -8.59 21.42
C GLY A 4 13.24 -9.77 22.01
N TYR A 5 13.32 -9.90 23.33
CA TYR A 5 12.64 -10.97 24.04
C TYR A 5 11.14 -10.72 24.05
N ALA A 6 10.37 -11.77 23.85
CA ALA A 6 8.92 -11.66 23.81
C ALA A 6 8.31 -12.98 24.25
N GLU A 7 7.04 -12.89 24.68
CA GLU A 7 6.24 -14.05 25.03
C GLU A 7 4.89 -13.95 24.34
N ILE A 8 4.25 -15.10 24.16
CA ILE A 8 2.94 -15.16 23.53
C ILE A 8 1.87 -14.94 24.59
N ALA A 9 0.96 -14.01 24.33
CA ALA A 9 -0.12 -13.68 25.25
C ALA A 9 -1.44 -14.31 24.87
N ALA A 10 -1.73 -14.43 23.58
CA ALA A 10 -2.97 -15.05 23.12
C ALA A 10 -2.74 -15.67 21.75
N VAL A 11 -3.57 -16.65 21.42
CA VAL A 11 -3.51 -17.33 20.13
C VAL A 11 -4.88 -17.21 19.47
N GLN A 12 -4.88 -16.83 18.19
CA GLN A 12 -6.11 -16.68 17.42
C GLN A 12 -6.16 -17.72 16.32
N PHE A 13 -7.32 -18.38 16.19
CA PHE A 13 -7.54 -19.41 15.19
C PHE A 13 -8.48 -18.88 14.13
N ASN A 14 -8.12 -19.09 12.87
CA ASN A 14 -8.93 -18.62 11.74
C ASN A 14 -8.82 -19.63 10.61
N ILE A 15 -9.53 -19.34 9.52
CA ILE A 15 -9.50 -20.15 8.31
C ILE A 15 -8.57 -19.49 7.32
N ALA A 16 -7.63 -20.26 6.78
CA ALA A 16 -6.63 -19.73 5.85
C ALA A 16 -7.14 -19.87 4.43
N GLY A 17 -7.25 -18.75 3.73
CA GLY A 17 -7.68 -18.74 2.34
C GLY A 17 -6.53 -18.74 1.37
N ASP A 18 -6.84 -18.39 0.12
CA ASP A 18 -5.80 -18.35 -0.91
C ASP A 18 -4.80 -17.23 -0.63
N ASN A 19 -5.29 -16.08 -0.16
CA ASN A 19 -4.40 -14.94 0.08
C ASN A 19 -3.38 -15.24 1.16
N ASP A 20 -3.81 -15.91 2.24
CA ASP A 20 -2.89 -16.26 3.32
C ASP A 20 -1.80 -17.18 2.82
N HIS A 21 -2.17 -18.20 2.04
CA HIS A 21 -1.18 -19.13 1.52
C HIS A 21 -0.26 -18.49 0.49
N LYS A 22 -0.78 -17.51 -0.26
CA LYS A 22 0.03 -16.84 -1.27
C LYS A 22 1.02 -15.85 -0.67
N ARG A 23 0.63 -15.16 0.41
CA ARG A 23 1.55 -14.19 1.01
C ARG A 23 2.46 -14.81 2.07
N GLN A 24 2.07 -15.93 2.68
CA GLN A 24 2.91 -16.61 3.65
C GLN A 24 3.84 -17.65 3.01
N GLY A 25 3.69 -17.93 1.72
CA GLY A 25 4.51 -18.93 1.06
C GLY A 25 5.82 -18.34 0.57
N VAL A 26 6.88 -19.13 0.69
CA VAL A 26 8.21 -18.69 0.26
C VAL A 26 8.56 -19.12 -1.15
N MET A 27 7.81 -20.06 -1.73
CA MET A 27 8.04 -20.50 -3.10
C MET A 27 6.75 -21.10 -3.64
N GLU A 28 6.71 -21.26 -4.96
CA GLU A 28 5.59 -21.89 -5.64
C GLU A 28 6.07 -23.20 -6.28
N VAL A 29 5.34 -24.29 -6.01
CA VAL A 29 5.71 -25.59 -6.54
C VAL A 29 5.26 -25.67 -7.99
N THR A 30 6.19 -26.00 -8.89
CA THR A 30 5.92 -25.99 -10.31
C THR A 30 6.29 -27.28 -11.04
N ILE A 31 7.14 -28.13 -10.47
CA ILE A 31 7.56 -29.37 -11.12
C ILE A 31 7.35 -30.52 -10.15
N SER A 32 7.21 -31.72 -10.73
CA SER A 32 7.06 -32.94 -9.96
C SER A 32 8.38 -33.68 -9.74
N ASN A 33 9.49 -33.11 -10.21
CA ASN A 33 10.79 -33.70 -9.95
C ASN A 33 11.14 -33.58 -8.47
N LEU A 34 12.16 -34.33 -8.06
CA LEU A 34 12.52 -34.40 -6.66
C LEU A 34 13.93 -33.91 -6.38
N PHE A 35 14.90 -34.21 -7.25
CA PHE A 35 16.28 -33.83 -7.03
C PHE A 35 16.92 -33.46 -8.37
N GLU A 36 17.97 -32.66 -8.28
CA GLU A 36 18.87 -32.37 -9.41
C GLU A 36 20.26 -32.80 -8.96
N GLY A 37 20.56 -34.08 -9.15
CA GLY A 37 21.79 -34.66 -8.61
C GLY A 37 21.61 -35.10 -7.16
N THR A 38 22.26 -34.38 -6.23
CA THR A 38 22.11 -34.64 -4.81
C THR A 38 21.35 -33.54 -4.08
N LEU A 39 21.29 -32.33 -4.64
CA LEU A 39 20.54 -31.25 -4.03
C LEU A 39 19.07 -31.32 -4.44
N PRO A 40 18.16 -30.82 -3.60
CA PRO A 40 16.74 -30.81 -3.98
C PRO A 40 16.51 -29.99 -5.25
N ALA A 41 15.58 -30.47 -6.07
CA ALA A 41 15.24 -29.76 -7.30
C ALA A 41 14.54 -28.45 -6.98
N GLU A 42 14.98 -27.39 -7.64
CA GLU A 42 14.38 -26.07 -7.41
C GLU A 42 12.98 -26.04 -8.01
N GLY A 43 11.99 -25.72 -7.18
CA GLY A 43 10.61 -25.72 -7.59
C GLY A 43 9.84 -26.97 -7.24
N GLY A 44 10.50 -28.00 -6.72
CA GLY A 44 9.85 -29.22 -6.33
C GLY A 44 9.27 -29.13 -4.94
N ILE A 45 8.81 -30.28 -4.44
CA ILE A 45 8.21 -30.32 -3.10
C ILE A 45 9.24 -30.43 -2.00
N TYR A 46 10.51 -30.63 -2.34
CA TYR A 46 11.60 -30.66 -1.37
C TYR A 46 12.49 -29.44 -1.47
N ASP A 47 12.03 -28.37 -2.10
CA ASP A 47 12.87 -27.20 -2.34
C ASP A 47 13.41 -26.67 -1.02
N ALA A 48 14.70 -26.30 -1.03
CA ALA A 48 15.37 -25.88 0.20
C ALA A 48 14.85 -24.56 0.72
N ARG A 49 14.11 -23.79 -0.08
CA ARG A 49 13.46 -22.59 0.42
C ARG A 49 12.41 -22.92 1.47
N MET A 50 11.85 -24.14 1.41
CA MET A 50 10.87 -24.56 2.40
C MET A 50 11.52 -24.96 3.73
N GLY A 51 12.82 -25.14 3.74
CA GLY A 51 13.54 -25.59 4.92
C GLY A 51 14.64 -26.52 4.51
N THR A 52 15.24 -27.18 5.50
CA THR A 52 16.30 -28.14 5.25
C THR A 52 16.31 -29.18 6.35
N THR A 53 16.64 -30.42 5.96
CA THR A 53 16.76 -31.51 6.92
C THR A 53 18.06 -32.30 6.72
N ASP A 54 19.00 -31.78 5.93
CA ASP A 54 20.24 -32.47 5.63
C ASP A 54 21.42 -31.57 5.95
N HIS A 55 22.54 -32.19 6.32
CA HIS A 55 23.78 -31.47 6.59
C HIS A 55 24.39 -30.93 5.31
N HIS A 56 24.07 -31.54 4.15
CA HIS A 56 24.71 -31.15 2.90
C HIS A 56 24.41 -29.70 2.53
N TYR A 57 23.17 -29.25 2.73
CA TYR A 57 22.76 -27.92 2.33
C TYR A 57 22.01 -27.24 3.47
N LYS A 58 22.10 -25.91 3.50
CA LYS A 58 21.39 -25.11 4.48
C LYS A 58 20.10 -24.55 3.87
N CYS A 59 19.29 -23.94 4.72
CA CYS A 59 18.05 -23.32 4.28
C CYS A 59 18.36 -22.10 3.42
N ILE A 60 17.62 -21.95 2.32
CA ILE A 60 17.80 -20.78 1.47
C ILE A 60 17.05 -19.58 2.02
N THR A 61 16.02 -19.81 2.84
CA THR A 61 15.21 -18.71 3.32
C THR A 61 15.87 -17.99 4.49
N CYS A 62 16.20 -18.73 5.55
CA CYS A 62 16.76 -18.14 6.76
C CYS A 62 18.25 -18.41 6.93
N SER A 63 18.88 -19.10 5.98
CA SER A 63 20.31 -19.37 5.99
C SER A 63 20.76 -20.14 7.22
N HIS A 64 19.86 -20.85 7.88
CA HIS A 64 20.18 -21.63 9.05
C HIS A 64 20.42 -23.08 8.66
N GLN A 65 21.02 -23.82 9.60
CA GLN A 65 21.16 -25.26 9.46
C GLN A 65 19.86 -25.95 9.83
N ARG A 66 19.80 -27.27 9.62
CA ARG A 66 18.57 -28.02 9.88
C ARG A 66 18.16 -27.97 11.35
N LYS A 67 19.11 -27.73 12.25
CA LYS A 67 18.77 -27.68 13.68
C LYS A 67 18.04 -26.39 14.02
N GLN A 68 18.49 -25.27 13.46
CA GLN A 68 17.93 -23.96 13.78
C GLN A 68 16.87 -23.50 12.78
N CYS A 69 16.55 -24.32 11.78
CA CYS A 69 15.53 -23.97 10.79
C CYS A 69 14.22 -24.66 11.18
N MET A 70 13.15 -23.87 11.24
CA MET A 70 11.83 -24.38 11.60
C MET A 70 10.96 -24.67 10.38
N GLY A 71 11.48 -24.50 9.17
CA GLY A 71 10.72 -24.78 7.98
C GLY A 71 9.87 -23.61 7.53
N HIS A 72 9.55 -23.55 6.23
CA HIS A 72 8.75 -22.48 5.67
C HIS A 72 7.76 -23.05 4.66
N PRO A 73 6.50 -22.63 4.70
CA PRO A 73 5.51 -23.20 3.79
C PRO A 73 5.72 -22.75 2.35
N GLY A 74 5.22 -23.57 1.42
CA GLY A 74 5.24 -23.25 0.01
C GLY A 74 3.82 -23.18 -0.54
N ILE A 75 3.72 -22.78 -1.80
CA ILE A 75 2.44 -22.60 -2.47
C ILE A 75 2.35 -23.58 -3.64
N LEU A 76 1.17 -24.19 -3.80
CA LEU A 76 0.86 -24.98 -4.99
C LEU A 76 -0.39 -24.39 -5.62
N GLN A 77 -0.27 -23.93 -6.87
CA GLN A 77 -1.38 -23.33 -7.58
C GLN A 77 -2.24 -24.42 -8.20
N MET A 78 -3.44 -24.61 -7.66
CA MET A 78 -4.35 -25.61 -8.20
C MET A 78 -4.96 -25.12 -9.51
N HIS A 79 -4.95 -25.98 -10.52
CA HIS A 79 -5.55 -25.63 -11.80
C HIS A 79 -7.06 -25.56 -11.71
N ALA A 80 -7.66 -26.21 -10.72
CA ALA A 80 -9.08 -26.13 -10.45
C ALA A 80 -9.30 -25.93 -8.97
N PRO A 81 -10.33 -25.19 -8.58
CA PRO A 81 -10.57 -24.94 -7.15
C PRO A 81 -10.84 -26.23 -6.40
N VAL A 82 -10.43 -26.24 -5.14
CA VAL A 82 -10.58 -27.41 -4.28
C VAL A 82 -11.21 -26.96 -2.96
N LEU A 83 -12.07 -27.81 -2.41
CA LEU A 83 -12.73 -27.50 -1.16
C LEU A 83 -11.80 -27.77 0.02
N GLN A 84 -12.07 -27.10 1.14
CA GLN A 84 -11.29 -27.31 2.34
C GLN A 84 -11.77 -28.56 3.06
N PRO A 85 -10.93 -29.58 3.23
CA PRO A 85 -11.40 -30.81 3.87
C PRO A 85 -11.90 -30.62 5.30
N LEU A 86 -11.30 -29.70 6.04
CA LEU A 86 -11.64 -29.54 7.45
C LEU A 86 -13.00 -28.91 7.66
N PHE A 87 -13.50 -28.15 6.68
CA PHE A 87 -14.69 -27.32 6.88
C PHE A 87 -15.82 -27.68 5.91
N ILE A 88 -15.83 -28.92 5.41
CA ILE A 88 -16.83 -29.33 4.43
C ILE A 88 -18.23 -29.15 5.00
N ALA A 89 -18.44 -29.57 6.25
CA ALA A 89 -19.73 -29.38 6.90
C ALA A 89 -20.13 -27.91 6.88
N GLU A 90 -19.20 -27.02 7.19
CA GLU A 90 -19.50 -25.59 7.15
C GLU A 90 -19.98 -25.17 5.78
N ILE A 91 -19.34 -25.69 4.73
CA ILE A 91 -19.77 -25.40 3.37
C ILE A 91 -21.23 -25.76 3.19
N ARG A 92 -21.64 -26.92 3.69
CA ARG A 92 -23.04 -27.32 3.60
C ARG A 92 -23.94 -26.28 4.25
N ARG A 93 -23.57 -25.82 5.46
CA ARG A 93 -24.39 -24.84 6.15
C ARG A 93 -24.53 -23.55 5.36
N TRP A 94 -23.58 -23.25 4.47
CA TRP A 94 -23.67 -22.06 3.67
C TRP A 94 -24.42 -22.28 2.36
N LEU A 95 -24.46 -23.52 1.87
CA LEU A 95 -25.15 -23.77 0.60
C LEU A 95 -26.66 -23.80 0.78
N ARG A 96 -27.14 -24.15 1.96
CA ARG A 96 -28.56 -24.24 2.25
C ARG A 96 -29.16 -22.92 2.72
N VAL A 97 -28.34 -21.90 2.95
CA VAL A 97 -28.79 -20.67 3.58
C VAL A 97 -28.91 -19.53 2.57
N ILE A 98 -27.92 -19.37 1.70
CA ILE A 98 -27.90 -18.26 0.75
C ILE A 98 -28.36 -18.76 -0.62
N CYS A 99 -28.92 -17.84 -1.40
CA CYS A 99 -29.38 -18.16 -2.74
C CYS A 99 -28.20 -18.48 -3.65
N LEU A 100 -28.41 -19.43 -4.56
CA LEU A 100 -27.37 -19.88 -5.47
C LEU A 100 -27.35 -19.11 -6.78
N ASN A 101 -28.17 -18.06 -6.91
CA ASN A 101 -28.23 -17.28 -8.13
C ASN A 101 -27.77 -15.83 -7.95
N CYS A 102 -28.02 -15.23 -6.78
CA CYS A 102 -27.59 -13.86 -6.53
C CYS A 102 -26.82 -13.68 -5.23
N GLY A 103 -26.80 -14.69 -4.35
CA GLY A 103 -26.08 -14.60 -3.10
C GLY A 103 -26.87 -14.05 -1.94
N ALA A 104 -28.07 -13.54 -2.17
CA ALA A 104 -28.88 -13.03 -1.08
C ALA A 104 -29.33 -14.19 -0.18
N PRO A 105 -29.44 -13.98 1.13
CA PRO A 105 -29.85 -15.07 2.02
C PRO A 105 -31.27 -15.52 1.71
N ILE A 106 -31.47 -16.84 1.70
CA ILE A 106 -32.79 -17.39 1.47
C ILE A 106 -33.61 -17.51 2.75
N VAL A 107 -32.95 -17.48 3.91
CA VAL A 107 -33.63 -17.49 5.20
C VAL A 107 -33.77 -16.06 5.69
N ASP A 108 -34.76 -15.83 6.54
CA ASP A 108 -34.96 -14.50 7.11
C ASP A 108 -33.93 -14.28 8.22
N LEU A 109 -33.05 -13.31 8.03
CA LEU A 109 -32.00 -13.05 9.01
C LEU A 109 -32.59 -12.58 10.33
N LYS A 110 -33.63 -11.75 10.29
CA LYS A 110 -34.23 -11.21 11.51
C LYS A 110 -34.77 -12.30 12.42
N ARG A 111 -35.09 -13.48 11.88
CA ARG A 111 -35.58 -14.57 12.70
C ARG A 111 -34.49 -15.11 13.63
N TYR A 112 -33.22 -14.78 13.38
CA TYR A 112 -32.13 -15.33 14.17
C TYR A 112 -31.31 -14.25 14.89
N GLU A 113 -31.83 -13.02 14.95
CA GLU A 113 -31.05 -11.94 15.55
C GLU A 113 -30.91 -12.06 17.07
N HIS A 114 -31.67 -12.94 17.71
CA HIS A 114 -31.62 -13.07 19.16
C HIS A 114 -30.75 -14.22 19.63
N LEU A 115 -30.44 -15.18 18.76
CA LEU A 115 -29.56 -16.28 19.14
C LEU A 115 -28.12 -15.78 19.31
N ILE A 116 -27.32 -16.58 20.00
CA ILE A 116 -25.89 -16.27 20.12
C ILE A 116 -25.18 -16.61 18.82
N ARG A 117 -24.07 -15.93 18.58
CA ARG A 117 -23.37 -16.04 17.30
C ARG A 117 -22.92 -17.46 16.95
N PRO A 118 -22.36 -18.26 17.87
CA PRO A 118 -21.85 -19.58 17.46
C PRO A 118 -22.88 -20.50 16.82
N LYS A 119 -24.17 -20.36 17.14
CA LYS A 119 -25.18 -21.26 16.62
C LYS A 119 -26.15 -20.59 15.64
N ARG A 120 -25.89 -19.34 15.26
CA ARG A 120 -26.80 -18.63 14.37
C ARG A 120 -26.90 -19.33 13.02
N LEU A 121 -25.75 -19.60 12.39
CA LEU A 121 -25.77 -20.24 11.08
C LEU A 121 -26.27 -21.67 11.15
N ILE A 122 -25.94 -22.40 12.23
CA ILE A 122 -26.43 -23.76 12.38
C ILE A 122 -27.95 -23.78 12.47
N GLU A 123 -28.53 -22.90 13.29
CA GLU A 123 -29.98 -22.84 13.40
C GLU A 123 -30.64 -22.30 12.14
N ALA A 124 -29.95 -21.44 11.38
CA ALA A 124 -30.51 -21.00 10.11
C ALA A 124 -30.54 -22.12 9.09
N ALA A 125 -29.46 -22.89 8.99
CA ALA A 125 -29.40 -24.00 8.04
C ALA A 125 -30.24 -25.18 8.45
N SER A 126 -30.58 -25.30 9.74
CA SER A 126 -31.44 -26.40 10.18
C SER A 126 -32.84 -26.28 9.61
N SER A 127 -33.29 -25.07 9.29
CA SER A 127 -34.62 -24.87 8.76
C SER A 127 -34.72 -25.42 7.33
N GLN A 128 -35.95 -25.66 6.90
CA GLN A 128 -36.21 -26.20 5.56
C GLN A 128 -36.18 -25.05 4.57
N THR A 129 -35.19 -25.08 3.67
CA THR A 129 -35.01 -24.02 2.69
C THR A 129 -35.28 -24.47 1.26
N GLU A 130 -35.36 -25.77 1.00
CA GLU A 130 -35.64 -26.25 -0.34
C GLU A 130 -36.99 -25.75 -0.82
N GLY A 131 -37.03 -25.26 -2.06
CA GLY A 131 -38.24 -24.73 -2.64
C GLY A 131 -38.53 -23.28 -2.31
N LYS A 132 -37.76 -22.66 -1.42
CA LYS A 132 -37.97 -21.26 -1.11
C LYS A 132 -37.48 -20.39 -2.26
N GLN A 133 -38.27 -19.38 -2.60
CA GLN A 133 -37.97 -18.48 -3.71
C GLN A 133 -37.28 -17.23 -3.19
N CYS A 134 -36.17 -16.87 -3.82
CA CYS A 134 -35.44 -15.68 -3.44
C CYS A 134 -36.28 -14.43 -3.71
N TYR A 135 -36.21 -13.46 -2.80
CA TYR A 135 -37.00 -12.24 -2.91
C TYR A 135 -36.37 -11.20 -3.82
N VAL A 136 -35.19 -11.48 -4.37
CA VAL A 136 -34.49 -10.55 -5.25
C VAL A 136 -34.49 -11.04 -6.70
N CYS A 137 -33.91 -12.21 -6.96
CA CYS A 137 -33.81 -12.74 -8.31
C CYS A 137 -34.97 -13.64 -8.69
N LYS A 138 -35.86 -13.97 -7.75
CA LYS A 138 -36.98 -14.88 -7.99
C LYS A 138 -36.50 -16.22 -8.55
N ALA A 139 -35.61 -16.85 -7.79
CA ALA A 139 -35.05 -18.15 -8.14
C ALA A 139 -35.36 -19.14 -7.04
N VAL A 140 -35.94 -20.28 -7.41
CA VAL A 140 -36.32 -21.28 -6.42
C VAL A 140 -35.08 -21.99 -5.91
N HIS A 141 -34.91 -22.03 -4.60
CA HIS A 141 -33.74 -22.66 -4.00
C HIS A 141 -33.81 -24.16 -4.19
N PRO A 142 -32.78 -24.80 -4.78
CA PRO A 142 -32.80 -26.25 -4.91
C PRO A 142 -32.52 -26.94 -3.57
N LYS A 143 -32.39 -28.26 -3.60
CA LYS A 143 -32.05 -29.04 -2.42
C LYS A 143 -30.57 -29.37 -2.47
N ILE A 144 -29.83 -28.97 -1.45
CA ILE A 144 -28.39 -29.24 -1.37
C ILE A 144 -28.23 -30.60 -0.72
N VAL A 145 -27.76 -31.59 -1.49
CA VAL A 145 -27.62 -32.95 -1.01
C VAL A 145 -26.14 -33.34 -1.05
N LYS A 146 -25.70 -34.02 0.00
CA LYS A 146 -24.33 -34.51 0.09
C LYS A 146 -24.22 -35.87 -0.56
N ASP A 147 -23.28 -36.01 -1.50
CA ASP A 147 -23.06 -37.29 -2.16
C ASP A 147 -22.50 -38.26 -1.13
N SER A 148 -23.06 -39.47 -1.11
CA SER A 148 -22.70 -40.47 -0.11
C SER A 148 -21.46 -41.28 -0.48
N GLU A 149 -20.96 -41.15 -1.71
CA GLU A 149 -19.79 -41.92 -2.13
C GLU A 149 -18.48 -41.31 -1.66
N ASP A 150 -18.48 -40.08 -1.18
CA ASP A 150 -17.27 -39.43 -0.71
C ASP A 150 -17.65 -38.45 0.40
N TYR A 151 -16.73 -37.54 0.72
CA TYR A 151 -16.92 -36.59 1.81
C TYR A 151 -16.94 -35.15 1.36
N PHE A 152 -16.92 -34.87 0.05
CA PHE A 152 -16.72 -33.50 -0.42
C PHE A 152 -17.58 -33.12 -1.62
N THR A 153 -18.49 -33.99 -2.08
CA THR A 153 -19.26 -33.73 -3.28
C THR A 153 -20.67 -33.28 -2.90
N PHE A 154 -21.15 -32.22 -3.56
CA PHE A 154 -22.48 -31.67 -3.32
C PHE A 154 -23.26 -31.66 -4.62
N TRP A 155 -24.57 -31.85 -4.51
CA TRP A 155 -25.47 -31.78 -5.66
C TRP A 155 -26.63 -30.84 -5.33
N ALA A 156 -27.14 -30.19 -6.38
CA ALA A 156 -28.31 -29.35 -6.30
C ALA A 156 -29.46 -30.04 -7.01
N ASP A 157 -30.55 -30.24 -6.28
CA ASP A 157 -31.74 -30.92 -6.79
C ASP A 157 -32.84 -29.87 -6.97
N GLN A 158 -33.02 -29.43 -8.21
CA GLN A 158 -34.05 -28.45 -8.57
C GLN A 158 -35.23 -29.21 -9.16
N GLN A 159 -36.20 -29.52 -8.29
CA GLN A 159 -37.46 -30.14 -8.69
C GLN A 159 -37.22 -31.41 -9.52
N GLY A 160 -36.25 -32.21 -9.10
CA GLY A 160 -35.92 -33.45 -9.75
C GLY A 160 -34.74 -33.38 -10.70
N LYS A 161 -34.37 -32.19 -11.17
CA LYS A 161 -33.22 -32.02 -12.05
C LYS A 161 -31.97 -31.89 -11.19
N ILE A 162 -30.99 -32.75 -11.41
CA ILE A 162 -29.84 -32.88 -10.53
C ILE A 162 -28.62 -32.28 -11.23
N ASP A 163 -27.93 -31.39 -10.54
CA ASP A 163 -26.67 -30.82 -11.00
C ASP A 163 -25.60 -31.06 -9.95
N LYS A 164 -24.34 -31.09 -10.37
CA LYS A 164 -23.21 -31.28 -9.47
C LYS A 164 -22.56 -29.94 -9.19
N LEU A 165 -22.42 -29.59 -7.92
CA LEU A 165 -21.81 -28.32 -7.53
C LEU A 165 -20.31 -28.52 -7.46
N TYR A 166 -19.64 -28.27 -8.58
CA TYR A 166 -18.19 -28.34 -8.60
C TYR A 166 -17.60 -27.22 -7.75
N PRO A 167 -16.39 -27.42 -7.22
CA PRO A 167 -15.82 -26.39 -6.32
C PRO A 167 -15.70 -25.02 -6.96
N GLN A 168 -15.51 -24.93 -8.27
CA GLN A 168 -15.52 -23.62 -8.92
C GLN A 168 -16.91 -22.98 -8.86
N ILE A 169 -17.95 -23.78 -9.08
CA ILE A 169 -19.32 -23.27 -8.97
C ILE A 169 -19.61 -22.84 -7.54
N ILE A 170 -19.17 -23.63 -6.57
CA ILE A 170 -19.35 -23.28 -5.17
C ILE A 170 -18.62 -21.99 -4.84
N ARG A 171 -17.41 -21.81 -5.37
CA ARG A 171 -16.66 -20.58 -5.14
C ARG A 171 -17.36 -19.37 -5.75
N GLU A 172 -17.90 -19.53 -6.95
CA GLU A 172 -18.65 -18.44 -7.57
C GLU A 172 -19.89 -18.09 -6.76
N ILE A 173 -20.57 -19.11 -6.24
CA ILE A 173 -21.75 -18.87 -5.40
C ILE A 173 -21.36 -18.14 -4.13
N PHE A 174 -20.26 -18.55 -3.50
CA PHE A 174 -19.87 -17.98 -2.21
C PHE A 174 -19.30 -16.58 -2.35
N SER A 175 -18.62 -16.28 -3.47
CA SER A 175 -18.10 -14.93 -3.68
C SER A 175 -19.20 -13.90 -3.88
N ARG A 176 -20.44 -14.34 -4.08
CA ARG A 176 -21.58 -13.46 -4.25
C ARG A 176 -22.25 -13.12 -2.92
N VAL A 177 -21.69 -13.57 -1.81
CA VAL A 177 -22.22 -13.32 -0.47
C VAL A 177 -21.57 -12.07 0.09
N THR A 178 -22.38 -11.14 0.58
CA THR A 178 -21.87 -9.92 1.15
C THR A 178 -21.45 -10.15 2.61
N TYR A 179 -20.60 -9.24 3.11
CA TYR A 179 -20.17 -9.32 4.49
C TYR A 179 -21.30 -9.03 5.48
N ASP A 180 -22.33 -8.31 5.03
CA ASP A 180 -23.48 -8.06 5.90
C ASP A 180 -24.19 -9.37 6.25
N THR A 181 -24.35 -10.25 5.27
CA THR A 181 -24.96 -11.55 5.54
C THR A 181 -24.09 -12.39 6.47
N VAL A 182 -22.78 -12.33 6.28
CA VAL A 182 -21.87 -13.09 7.14
C VAL A 182 -21.95 -12.60 8.58
N VAL A 183 -21.98 -11.28 8.77
CA VAL A 183 -22.05 -10.73 10.12
C VAL A 183 -23.41 -11.05 10.76
N LYS A 184 -24.49 -10.90 9.99
CA LYS A 184 -25.82 -11.13 10.53
C LYS A 184 -26.13 -12.61 10.77
N LEU A 185 -25.27 -13.52 10.31
CA LEU A 185 -25.45 -14.94 10.54
C LEU A 185 -24.54 -15.48 11.63
N GLY A 186 -23.94 -14.60 12.44
CA GLY A 186 -23.15 -15.00 13.56
C GLY A 186 -21.68 -15.20 13.28
N ARG A 187 -21.28 -15.30 12.01
CA ARG A 187 -19.88 -15.48 11.68
C ARG A 187 -19.17 -14.13 11.65
N SER A 188 -17.84 -14.19 11.64
CA SER A 188 -17.01 -13.00 11.64
C SER A 188 -16.59 -12.64 10.21
N LYS A 189 -16.01 -11.45 10.07
CA LYS A 189 -15.51 -11.01 8.77
C LYS A 189 -14.28 -11.80 8.33
N ASN A 190 -13.66 -12.56 9.23
CA ASN A 190 -12.55 -13.43 8.88
C ASN A 190 -13.01 -14.83 8.49
N SER A 191 -14.30 -15.09 8.52
CA SER A 191 -14.87 -16.39 8.19
C SER A 191 -15.86 -16.29 7.05
N HIS A 192 -15.54 -15.46 6.05
CA HIS A 192 -16.37 -15.37 4.87
C HIS A 192 -16.34 -16.70 4.12
N PRO A 193 -17.47 -17.14 3.56
CA PRO A 193 -17.49 -18.45 2.87
C PRO A 193 -16.57 -18.53 1.67
N GLU A 194 -16.16 -17.40 1.09
CA GLU A 194 -15.29 -17.45 -0.08
C GLU A 194 -13.94 -18.07 0.23
N LYS A 195 -13.54 -18.13 1.50
CA LYS A 195 -12.30 -18.77 1.90
C LYS A 195 -12.43 -20.27 2.02
N LEU A 196 -13.63 -20.82 1.85
CA LEU A 196 -13.84 -22.26 1.98
C LEU A 196 -13.48 -23.03 0.72
N VAL A 197 -13.14 -22.34 -0.37
CA VAL A 197 -12.72 -22.96 -1.60
C VAL A 197 -11.32 -22.47 -1.92
N LEU A 198 -10.39 -23.40 -2.11
CA LEU A 198 -8.98 -23.08 -2.30
C LEU A 198 -8.58 -23.33 -3.75
N LYS A 199 -8.04 -22.29 -4.40
CA LYS A 199 -7.37 -22.46 -5.68
C LYS A 199 -5.85 -22.44 -5.55
N ALA A 200 -5.33 -22.22 -4.34
CA ALA A 200 -3.90 -22.26 -4.06
C ALA A 200 -3.72 -22.87 -2.69
N ILE A 201 -3.15 -24.07 -2.64
CA ILE A 201 -2.98 -24.79 -1.39
C ILE A 201 -1.57 -24.57 -0.86
N GLN A 202 -1.38 -24.91 0.41
CA GLN A 202 -0.09 -24.73 1.08
C GLN A 202 0.60 -26.08 1.18
N ILE A 203 1.82 -26.15 0.63
CA ILE A 203 2.70 -27.28 0.83
C ILE A 203 3.38 -27.09 2.19
N PRO A 204 3.23 -28.03 3.12
CA PRO A 204 3.75 -27.80 4.46
C PRO A 204 5.26 -27.74 4.45
N PRO A 205 5.86 -27.06 5.44
CA PRO A 205 7.33 -26.97 5.49
C PRO A 205 7.96 -28.34 5.65
N ILE A 206 9.19 -28.47 5.14
CA ILE A 206 9.90 -29.74 5.18
C ILE A 206 10.11 -30.20 6.62
N SER A 207 10.18 -29.26 7.56
CA SER A 207 10.30 -29.63 8.96
C SER A 207 9.10 -30.44 9.44
N ILE A 208 7.96 -30.30 8.77
CA ILE A 208 6.78 -31.07 9.12
C ILE A 208 6.83 -32.45 8.47
N ARG A 209 7.53 -32.58 7.35
CA ARG A 209 7.60 -33.83 6.58
C ARG A 209 9.06 -34.20 6.36
N PRO A 210 9.76 -34.62 7.41
CA PRO A 210 11.18 -34.98 7.24
C PRO A 210 11.36 -36.31 6.53
N GLY A 211 12.61 -36.67 6.23
CA GLY A 211 12.88 -37.88 5.49
C GLY A 211 12.80 -37.67 4.00
N ILE A 212 13.57 -36.71 3.50
CA ILE A 212 13.56 -36.35 2.08
C ILE A 212 14.09 -37.50 1.24
N HIS A 224 8.76 -38.54 5.16
CA HIS A 224 7.64 -39.40 5.56
C HIS A 224 6.88 -39.92 4.35
N ASP A 225 5.85 -40.72 4.61
CA ASP A 225 4.97 -41.21 3.56
C ASP A 225 3.96 -40.15 3.13
N ILE A 226 3.83 -39.05 3.87
CA ILE A 226 2.95 -37.96 3.44
C ILE A 226 3.54 -37.20 2.27
N ASN A 227 4.85 -37.34 2.03
CA ASN A 227 5.46 -36.70 0.87
C ASN A 227 5.05 -37.39 -0.43
N ASN A 228 4.73 -38.67 -0.37
CA ASN A 228 4.23 -39.37 -1.55
C ASN A 228 2.85 -38.83 -1.94
N VAL A 229 2.02 -38.51 -0.96
CA VAL A 229 0.71 -37.93 -1.25
C VAL A 229 0.87 -36.58 -1.95
N ILE A 230 1.79 -35.74 -1.46
CA ILE A 230 2.00 -34.44 -2.05
C ILE A 230 2.53 -34.58 -3.47
N GLN A 231 3.45 -35.52 -3.69
CA GLN A 231 4.01 -35.71 -5.03
C GLN A 231 2.95 -36.20 -6.01
N TYR A 232 2.08 -37.12 -5.56
CA TYR A 232 0.96 -37.55 -6.41
C TYR A 232 0.02 -36.39 -6.69
N LEU A 233 -0.27 -35.58 -5.67
CA LEU A 233 -1.16 -34.44 -5.83
C LEU A 233 -0.55 -33.39 -6.76
N VAL A 234 0.77 -33.23 -6.72
CA VAL A 234 1.43 -32.29 -7.63
C VAL A 234 1.39 -32.82 -9.07
N ARG A 235 1.67 -34.11 -9.25
CA ARG A 235 1.71 -34.66 -10.60
C ARG A 235 0.32 -34.69 -11.24
N LYS A 236 -0.70 -35.07 -10.47
CA LYS A 236 -2.05 -35.14 -11.01
C LYS A 236 -2.69 -33.77 -11.18
N ASN A 237 -2.16 -32.74 -10.53
CA ASN A 237 -2.67 -31.39 -10.76
C ASN A 237 -2.33 -30.91 -12.15
N LEU A 238 -1.16 -31.29 -12.69
CA LEU A 238 -0.76 -30.87 -14.02
C LEU A 238 -1.59 -31.56 -15.10
N LEU A 239 -2.30 -32.63 -14.78
CA LEU A 239 -3.17 -33.27 -15.76
C LEU A 239 -4.40 -32.42 -16.05
N ILE A 240 -4.89 -31.68 -15.07
CA ILE A 240 -6.04 -30.80 -15.27
C ILE A 240 -5.62 -29.61 -16.14
N PRO A 241 -6.34 -29.29 -17.21
CA PRO A 241 -5.99 -28.10 -18.00
C PRO A 241 -6.07 -26.84 -17.17
N LYS A 242 -5.11 -25.94 -17.40
CA LYS A 242 -5.08 -24.67 -16.67
C LYS A 242 -6.28 -23.81 -17.02
N ASP A 243 -6.67 -23.80 -18.29
CA ASP A 243 -7.77 -22.98 -18.77
C ASP A 243 -9.14 -23.60 -18.50
N LEU A 244 -9.22 -24.58 -17.60
CA LEU A 244 -10.49 -25.22 -17.30
C LEU A 244 -11.46 -24.23 -16.68
N GLN A 245 -12.70 -24.27 -17.15
CA GLN A 245 -13.76 -23.42 -16.64
C GLN A 245 -15.02 -24.25 -16.48
N ILE A 246 -15.65 -24.17 -15.31
CA ILE A 246 -16.86 -24.92 -15.01
C ILE A 246 -17.98 -23.92 -14.75
N VAL A 247 -19.11 -24.11 -15.43
CA VAL A 247 -20.30 -23.28 -15.29
C VAL A 247 -21.46 -24.19 -14.95
N ARG A 248 -22.33 -23.73 -14.04
CA ARG A 248 -23.46 -24.54 -13.60
C ARG A 248 -24.31 -24.97 -14.79
N GLY A 249 -24.56 -26.27 -14.89
CA GLY A 249 -25.30 -26.85 -16.00
C GLY A 249 -24.43 -27.45 -17.09
N GLN A 250 -23.15 -27.11 -17.13
CA GLN A 250 -22.26 -27.65 -18.15
C GLN A 250 -22.00 -29.13 -17.92
N LYS A 251 -21.95 -29.88 -19.00
CA LYS A 251 -21.65 -31.32 -18.96
C LYS A 251 -20.20 -31.50 -19.36
N ILE A 252 -19.30 -31.49 -18.38
CA ILE A 252 -17.87 -31.63 -18.64
C ILE A 252 -17.58 -33.09 -19.00
N PRO A 253 -16.53 -33.36 -19.77
CA PRO A 253 -16.23 -34.75 -20.15
C PRO A 253 -15.87 -35.60 -18.95
N LEU A 254 -16.14 -36.90 -19.08
CA LEU A 254 -15.83 -37.83 -17.99
C LEU A 254 -14.33 -37.91 -17.72
N ASN A 255 -13.51 -37.60 -18.72
CA ASN A 255 -12.06 -37.58 -18.51
C ASN A 255 -11.66 -36.49 -17.53
N ILE A 256 -12.17 -35.28 -17.73
CA ILE A 256 -11.86 -34.18 -16.83
C ILE A 256 -12.55 -34.39 -15.48
N ASP A 257 -13.79 -34.87 -15.48
CA ASP A 257 -14.52 -35.07 -14.24
C ASP A 257 -13.81 -36.10 -13.36
N ARG A 258 -13.29 -37.16 -13.96
CA ARG A 258 -12.56 -38.17 -13.19
C ARG A 258 -11.30 -37.57 -12.58
N ASN A 259 -10.56 -36.76 -13.34
CA ASN A 259 -9.33 -36.17 -12.84
C ASN A 259 -9.60 -35.23 -11.68
N LEU A 260 -10.68 -34.45 -11.76
CA LEU A 260 -11.03 -33.54 -10.68
C LEU A 260 -11.35 -34.30 -9.40
N GLN A 261 -11.98 -35.47 -9.52
CA GLN A 261 -12.35 -36.25 -8.34
C GLN A 261 -11.12 -36.72 -7.59
N THR A 262 -10.11 -37.22 -8.31
CA THR A 262 -8.90 -37.70 -7.66
C THR A 262 -8.13 -36.57 -7.00
N ILE A 263 -8.04 -35.42 -7.67
CA ILE A 263 -7.30 -34.29 -7.11
C ILE A 263 -7.94 -33.81 -5.82
N GLN A 264 -9.27 -33.73 -5.79
CA GLN A 264 -9.97 -33.33 -4.57
C GLN A 264 -9.90 -34.43 -3.52
N GLN A 265 -9.95 -35.69 -3.93
CA GLN A 265 -9.84 -36.78 -2.98
C GLN A 265 -8.42 -36.89 -2.43
N LEU A 266 -7.40 -36.64 -3.27
CA LEU A 266 -6.03 -36.68 -2.81
C LEU A 266 -5.78 -35.64 -1.73
N TYR A 267 -6.30 -34.43 -1.91
CA TYR A 267 -6.12 -33.38 -0.91
C TYR A 267 -6.88 -33.70 0.37
N TYR A 268 -8.07 -34.32 0.26
CA TYR A 268 -8.80 -34.73 1.45
C TYR A 268 -8.03 -35.79 2.23
N ASN A 269 -7.43 -36.74 1.53
CA ASN A 269 -6.62 -37.76 2.19
C ASN A 269 -5.30 -37.20 2.71
N PHE A 270 -4.83 -36.10 2.13
CA PHE A 270 -3.61 -35.48 2.65
C PHE A 270 -3.83 -34.86 4.03
N LEU A 271 -5.06 -34.45 4.32
CA LEU A 271 -5.38 -33.77 5.58
C LEU A 271 -6.20 -34.61 6.53
N LEU A 272 -7.18 -35.36 6.04
CA LEU A 272 -8.18 -36.01 6.89
C LEU A 272 -8.29 -37.49 6.55
N ASP A 273 -7.16 -38.18 6.49
CA ASP A 273 -7.15 -39.61 6.22
C ASP A 273 -7.21 -40.39 7.53
N SER A 274 -8.15 -41.34 7.61
CA SER A 274 -8.34 -42.17 8.80
C SER A 274 -8.62 -41.32 10.04
N VAL A 275 -9.37 -40.24 9.85
CA VAL A 275 -9.72 -39.35 10.95
C VAL A 275 -11.24 -39.35 11.15
N MET B 1 13.56 13.59 3.36
CA MET B 1 13.30 14.67 4.30
C MET B 1 13.65 14.25 5.72
N ILE B 2 14.62 14.94 6.32
CA ILE B 2 15.04 14.65 7.68
C ILE B 2 13.93 15.08 8.65
N ASP B 3 13.56 14.19 9.56
CA ASP B 3 12.46 14.45 10.46
C ASP B 3 12.68 13.68 11.76
N GLN B 4 11.79 13.90 12.72
CA GLN B 4 11.80 13.17 13.97
C GLN B 4 10.84 11.98 13.90
N LYS B 5 11.10 10.99 14.73
CA LYS B 5 10.19 9.85 14.83
C LYS B 5 10.36 9.22 16.21
N ILE B 6 9.35 8.46 16.62
CA ILE B 6 9.36 7.78 17.91
C ILE B 6 9.16 6.29 17.66
N PHE B 7 10.07 5.48 18.19
CA PHE B 7 10.06 4.04 18.00
C PHE B 7 9.88 3.33 19.33
N GLU B 8 9.33 2.12 19.27
CA GLU B 8 9.29 1.20 20.39
C GLU B 8 10.15 -0.01 20.06
N THR B 9 10.84 -0.54 21.06
CA THR B 9 11.68 -1.71 20.85
C THR B 9 11.88 -2.42 22.18
N THR B 10 12.40 -3.64 22.10
CA THR B 10 12.78 -4.40 23.29
C THR B 10 14.23 -4.84 23.11
N LEU B 11 15.07 -4.49 24.08
CA LEU B 11 16.48 -4.82 24.03
C LEU B 11 16.83 -5.87 25.07
N ASN B 12 17.60 -6.87 24.64
CA ASN B 12 18.09 -7.91 25.53
C ASN B 12 19.38 -7.47 26.20
N ILE B 13 19.51 -7.79 27.48
CA ILE B 13 20.65 -7.39 28.30
C ILE B 13 21.28 -8.66 28.86
N ASP B 14 22.53 -8.91 28.50
CA ASP B 14 23.22 -10.11 28.95
C ASP B 14 23.68 -10.01 30.40
N ASP B 15 24.04 -8.82 30.86
CA ASP B 15 24.55 -8.60 32.22
C ASP B 15 23.72 -7.50 32.86
N PRO B 16 22.58 -7.85 33.46
CA PRO B 16 21.74 -6.81 34.09
C PRO B 16 22.44 -6.05 35.19
N THR B 17 23.33 -6.69 35.95
CA THR B 17 24.00 -6.00 37.04
C THR B 17 24.91 -4.88 36.51
N ASN B 18 25.65 -5.16 35.45
CA ASN B 18 26.48 -4.13 34.84
C ASN B 18 25.62 -3.06 34.17
N PHE B 19 24.50 -3.47 33.56
CA PHE B 19 23.63 -2.53 32.87
C PHE B 19 23.01 -1.53 33.85
N CYS B 20 22.62 -1.99 35.04
CA CYS B 20 21.91 -1.14 35.99
C CYS B 20 22.79 -0.06 36.60
N THR B 21 24.11 -0.10 36.38
CA THR B 21 24.98 0.93 36.94
C THR B 21 24.71 2.29 36.32
N ASN B 22 24.86 2.41 35.00
CA ASN B 22 24.56 3.63 34.27
C ASN B 22 23.55 3.28 33.18
N VAL B 23 22.28 3.28 33.57
CA VAL B 23 21.24 2.70 32.70
C VAL B 23 21.05 3.56 31.45
N GLU B 24 20.94 4.87 31.62
CA GLU B 24 20.68 5.72 30.46
C GLU B 24 21.84 5.69 29.47
N ALA B 25 23.08 5.71 29.98
CA ALA B 25 24.24 5.68 29.09
C ALA B 25 24.33 4.34 28.36
N HIS B 26 24.14 3.23 29.08
CA HIS B 26 24.20 1.92 28.43
C HIS B 26 23.07 1.77 27.42
N LEU B 27 21.88 2.27 27.76
CA LEU B 27 20.75 2.20 26.84
C LEU B 27 21.01 2.99 25.57
N LEU B 28 21.54 4.22 25.71
CA LEU B 28 21.86 5.02 24.54
C LEU B 28 22.93 4.34 23.68
N LYS B 29 23.96 3.78 24.32
CA LYS B 29 25.01 3.13 23.56
C LYS B 29 24.49 1.91 22.80
N GLU B 30 23.67 1.09 23.45
CA GLU B 30 23.16 -0.10 22.77
C GLU B 30 22.18 0.26 21.67
N LEU B 31 21.34 1.28 21.89
CA LEU B 31 20.44 1.73 20.84
C LEU B 31 21.21 2.27 19.65
N GLU B 32 22.28 3.05 19.90
CA GLU B 32 23.12 3.55 18.82
C GLU B 32 23.78 2.40 18.07
N ASN B 33 24.22 1.37 18.79
CA ASN B 33 24.87 0.24 18.14
C ASN B 33 23.88 -0.56 17.29
N ILE B 34 22.63 -0.69 17.73
CA ILE B 34 21.68 -1.57 17.07
C ILE B 34 20.98 -0.87 15.90
N TYR B 35 20.48 0.35 16.12
CA TYR B 35 19.51 0.94 15.19
C TYR B 35 20.08 2.05 14.31
N VAL B 36 21.20 2.66 14.68
CA VAL B 36 21.71 3.79 13.90
C VAL B 36 22.24 3.29 12.56
N GLY B 37 21.81 3.93 11.48
CA GLY B 37 22.29 3.60 10.16
C GLY B 37 21.58 2.46 9.48
N LYS B 38 20.43 2.03 9.99
CA LYS B 38 19.70 0.92 9.42
C LYS B 38 18.25 1.31 9.22
N CYS B 39 17.59 0.64 8.27
CA CYS B 39 16.18 0.84 8.00
C CYS B 39 15.35 0.03 8.99
N PHE B 40 14.33 0.66 9.56
CA PHE B 40 13.48 -0.01 10.53
C PHE B 40 12.16 0.74 10.62
N LYS B 41 11.06 0.01 10.42
CA LYS B 41 9.70 0.56 10.49
C LYS B 41 9.52 1.71 9.49
N ASN B 42 9.75 1.39 8.22
CA ASN B 42 9.47 2.28 7.09
C ASN B 42 10.25 3.59 7.18
N SER B 43 11.41 3.57 7.82
CA SER B 43 12.24 4.76 7.90
C SER B 43 13.69 4.34 8.12
N PHE B 44 14.60 5.25 7.79
CA PHE B 44 16.03 5.05 7.96
C PHE B 44 16.50 5.90 9.13
N ILE B 45 16.96 5.25 10.20
CA ILE B 45 17.36 5.95 11.40
C ILE B 45 18.73 6.58 11.19
N LEU B 46 18.80 7.90 11.37
CA LEU B 46 20.06 8.62 11.26
C LEU B 46 20.75 8.75 12.61
N ASN B 47 20.02 9.24 13.61
CA ASN B 47 20.58 9.42 14.94
C ASN B 47 19.54 9.04 15.98
N ILE B 48 20.00 8.72 17.18
CA ILE B 48 19.13 8.48 18.33
C ILE B 48 19.10 9.76 19.15
N THR B 49 17.98 10.47 19.12
CA THR B 49 17.88 11.73 19.84
C THR B 49 17.80 11.52 21.35
N GLY B 50 16.98 10.57 21.79
CA GLY B 50 16.87 10.33 23.21
C GLY B 50 15.88 9.22 23.49
N VAL B 51 15.65 8.99 24.78
CA VAL B 51 14.72 7.97 25.26
C VAL B 51 13.60 8.67 26.00
N ILE B 52 12.37 8.55 25.48
CA ILE B 52 11.24 9.19 26.12
C ILE B 52 10.89 8.47 27.43
N GLN B 53 10.75 7.16 27.37
CA GLN B 53 10.45 6.38 28.56
C GLN B 53 10.83 4.93 28.31
N ARG B 54 11.00 4.20 29.41
CA ARG B 54 11.45 2.81 29.37
C ARG B 54 10.65 2.01 30.38
N SER B 55 10.96 0.73 30.46
CA SER B 55 10.39 -0.18 31.44
C SER B 55 11.47 -0.66 32.40
N PRO B 56 11.10 -1.13 33.59
CA PRO B 56 12.09 -1.75 34.47
C PRO B 56 12.73 -2.94 33.79
N CYS B 57 14.00 -3.18 34.13
CA CYS B 57 14.73 -4.27 33.50
C CYS B 57 14.25 -5.61 34.02
N PHE B 58 13.25 -6.19 33.35
CA PHE B 58 12.72 -7.47 33.76
C PHE B 58 13.72 -8.59 33.51
N ILE B 59 13.48 -9.73 34.15
CA ILE B 59 14.31 -10.91 33.99
C ILE B 59 13.55 -11.91 33.12
N MET B 60 14.24 -12.48 32.14
CA MET B 60 13.62 -13.45 31.24
C MET B 60 13.09 -14.65 32.03
N ARG B 61 11.86 -15.04 31.72
CA ARG B 61 11.17 -16.07 32.48
C ARG B 61 11.13 -17.43 31.78
N THR B 62 11.29 -17.46 30.47
CA THR B 62 11.15 -18.71 29.72
C THR B 62 12.47 -19.47 29.58
N ASN B 63 13.55 -19.00 30.19
CA ASN B 63 14.82 -19.68 30.13
C ASN B 63 15.59 -19.43 31.42
N ASN B 64 16.54 -20.31 31.71
CA ASN B 64 17.34 -20.25 32.92
C ASN B 64 18.70 -19.59 32.68
N SER B 65 18.78 -18.66 31.73
CA SER B 65 20.03 -17.99 31.43
C SER B 65 20.31 -16.80 32.36
N GLY B 66 19.29 -16.31 33.08
CA GLY B 66 19.47 -15.19 33.97
C GLY B 66 19.59 -13.85 33.28
N ARG B 67 19.36 -13.78 31.98
CA ARG B 67 19.46 -12.52 31.24
C ARG B 67 18.21 -11.68 31.47
N GLY B 68 18.27 -10.42 31.03
CA GLY B 68 17.18 -9.49 31.19
C GLY B 68 16.74 -8.91 29.87
N TYR B 69 15.64 -8.16 29.92
CA TYR B 69 15.15 -7.44 28.75
C TYR B 69 14.50 -6.15 29.22
N MET B 70 14.46 -5.16 28.33
CA MET B 70 13.90 -3.86 28.66
C MET B 70 13.19 -3.29 27.45
N HIS B 71 11.95 -2.84 27.64
CA HIS B 71 11.20 -2.16 26.60
C HIS B 71 11.55 -0.68 26.61
N VAL B 72 12.02 -0.17 25.49
CA VAL B 72 12.49 1.20 25.37
C VAL B 72 11.71 1.90 24.27
N ARG B 73 11.19 3.08 24.57
CA ARG B 73 10.57 3.96 23.59
C ARG B 73 11.48 5.17 23.40
N PHE B 74 11.98 5.36 22.18
CA PHE B 74 13.03 6.34 21.95
C PHE B 74 12.71 7.21 20.74
N SER B 75 13.09 8.48 20.83
CA SER B 75 12.97 9.41 19.72
C SER B 75 14.26 9.45 18.93
N ALA B 76 14.15 9.29 17.61
CA ALA B 76 15.28 9.23 16.70
C ALA B 76 15.06 10.19 15.54
N VAL B 77 16.15 10.79 15.09
CA VAL B 77 16.16 11.58 13.86
C VAL B 77 16.31 10.60 12.71
N VAL B 78 15.28 10.54 11.85
CA VAL B 78 15.24 9.62 10.72
C VAL B 78 15.08 10.40 9.44
N SER B 79 15.09 9.70 8.31
CA SER B 79 14.88 10.32 7.01
C SER B 79 13.93 9.45 6.19
N TYR B 80 13.06 10.09 5.43
CA TYR B 80 12.11 9.41 4.57
C TYR B 80 12.13 10.08 3.20
N LEU B 81 12.30 9.28 2.14
CA LEU B 81 12.33 9.79 0.79
C LEU B 81 11.00 9.54 0.10
N ASN B 82 10.56 10.50 -0.69
CA ASN B 82 9.26 10.46 -1.34
C ASN B 82 9.42 10.41 -2.85
N ALA B 83 8.29 10.27 -3.53
CA ALA B 83 8.29 10.28 -4.99
C ALA B 83 8.62 11.67 -5.50
N PHE B 84 9.24 11.72 -6.69
CA PHE B 84 9.65 12.96 -7.34
C PHE B 84 10.70 13.72 -6.53
N ASP B 85 11.33 13.07 -5.56
CA ASP B 85 12.38 13.70 -4.79
C ASP B 85 13.63 13.90 -5.65
N LEU B 86 14.28 15.05 -5.48
CA LEU B 86 15.44 15.41 -6.27
C LEU B 86 16.70 15.11 -5.49
N ILE B 87 17.55 14.25 -6.05
CA ILE B 87 18.84 13.91 -5.46
C ILE B 87 19.91 14.41 -6.42
N ALA B 88 20.78 15.29 -5.93
CA ALA B 88 21.73 15.99 -6.77
C ALA B 88 23.09 15.29 -6.88
N ALA B 89 23.25 14.12 -6.27
CA ALA B 89 24.53 13.43 -6.34
C ALA B 89 24.31 11.94 -6.10
N VAL B 90 24.41 11.15 -7.17
CA VAL B 90 24.48 9.70 -7.07
C VAL B 90 25.67 9.23 -7.88
N LYS B 91 26.36 8.20 -7.39
CA LYS B 91 27.53 7.66 -8.05
C LYS B 91 27.13 6.42 -8.85
N ILE B 92 27.38 6.46 -10.16
CA ILE B 92 27.03 5.35 -11.02
C ILE B 92 27.96 4.19 -10.71
N ILE B 93 27.40 3.10 -10.21
CA ILE B 93 28.21 1.95 -9.78
C ILE B 93 28.29 0.89 -10.87
N LYS B 94 27.14 0.48 -11.40
CA LYS B 94 27.08 -0.58 -12.39
C LYS B 94 26.29 -0.10 -13.60
N ASN B 95 26.85 -0.26 -14.79
CA ASN B 95 26.21 0.15 -16.04
C ASN B 95 26.27 -1.04 -17.00
N ASP B 96 25.26 -1.89 -16.93
CA ASP B 96 25.17 -3.09 -17.77
C ASP B 96 23.93 -3.01 -18.66
N SER B 97 23.68 -4.10 -19.38
CA SER B 97 22.56 -4.12 -20.32
C SER B 97 21.22 -4.13 -19.58
N ASN B 98 21.15 -4.82 -18.44
CA ASN B 98 19.87 -5.00 -17.76
C ASN B 98 19.39 -3.71 -17.11
N ILE B 99 20.16 -3.20 -16.13
CA ILE B 99 19.77 -2.04 -15.34
C ILE B 99 21.01 -1.18 -15.09
N ILE B 100 20.81 -0.07 -14.39
CA ILE B 100 21.89 0.81 -13.96
C ILE B 100 21.77 1.01 -12.46
N LEU B 101 22.89 1.01 -11.76
CA LEU B 101 22.91 1.15 -10.31
C LEU B 101 23.57 2.47 -9.93
N GLY B 102 23.02 3.13 -8.92
CA GLY B 102 23.63 4.32 -8.37
C GLY B 102 23.46 4.36 -6.87
N GLU B 103 24.36 5.10 -6.21
CA GLU B 103 24.29 5.30 -4.77
C GLU B 103 24.40 6.78 -4.47
N SER B 104 23.47 7.28 -3.65
CA SER B 104 23.47 8.70 -3.32
C SER B 104 24.66 9.06 -2.44
N LEU B 105 25.26 10.20 -2.73
CA LEU B 105 26.39 10.71 -1.96
C LEU B 105 25.98 11.75 -0.92
N LEU B 106 24.68 11.96 -0.73
CA LEU B 106 24.17 12.93 0.21
C LEU B 106 23.92 12.24 1.56
N THR B 107 23.32 12.98 2.49
CA THR B 107 23.05 12.48 3.83
C THR B 107 21.81 11.58 3.90
N GLU B 108 21.32 11.13 2.74
CA GLU B 108 20.15 10.25 2.65
C GLU B 108 20.58 8.98 1.95
N PRO B 109 21.04 7.96 2.68
CA PRO B 109 21.54 6.74 2.04
C PRO B 109 20.42 6.01 1.31
N VAL B 110 20.55 5.90 -0.01
CA VAL B 110 19.58 5.23 -0.84
C VAL B 110 20.29 4.70 -2.09
N THR B 111 20.02 3.44 -2.44
CA THR B 111 20.50 2.86 -3.69
C THR B 111 19.38 3.00 -4.71
N ILE B 112 19.74 3.42 -5.92
CA ILE B 112 18.78 3.75 -6.96
C ILE B 112 19.01 2.84 -8.15
N VAL B 113 17.95 2.12 -8.55
CA VAL B 113 17.95 1.35 -9.78
C VAL B 113 17.41 2.24 -10.88
N ILE B 114 17.97 2.08 -12.09
CA ILE B 114 17.63 2.95 -13.21
C ILE B 114 17.37 2.08 -14.43
N PRO B 115 16.20 2.20 -15.06
CA PRO B 115 15.94 1.44 -16.28
C PRO B 115 16.74 2.00 -17.45
N SER B 116 17.35 1.11 -18.22
CA SER B 116 18.15 1.53 -19.36
C SER B 116 17.30 1.90 -20.56
N SER B 117 15.99 1.65 -20.52
CA SER B 117 15.12 1.95 -21.65
C SER B 117 15.08 3.45 -21.94
N GLU B 118 15.00 4.27 -20.91
CA GLU B 118 14.89 5.71 -21.10
C GLU B 118 16.16 6.28 -21.72
N SER B 119 15.99 7.20 -22.68
CA SER B 119 17.13 7.72 -23.41
C SER B 119 18.04 8.59 -22.56
N GLN B 120 17.50 9.25 -21.53
CA GLN B 120 18.33 10.07 -20.66
C GLN B 120 19.35 9.24 -19.89
N ASN B 121 19.06 7.95 -19.67
CA ASN B 121 20.00 7.03 -19.07
C ASN B 121 20.95 6.50 -20.16
N ASN B 122 21.64 5.40 -19.87
CA ASN B 122 22.60 4.69 -20.71
C ASN B 122 23.73 5.57 -21.20
N VAL B 123 23.78 6.82 -20.74
CA VAL B 123 24.83 7.78 -21.11
C VAL B 123 25.75 7.97 -19.92
N ALA B 124 25.20 7.80 -18.72
CA ALA B 124 25.95 8.00 -17.47
C ALA B 124 26.94 6.85 -17.30
N GLU B 125 28.17 7.11 -17.72
CA GLU B 125 29.23 6.11 -17.61
C GLU B 125 29.57 5.86 -16.16
N VAL B 126 30.20 4.70 -15.90
CA VAL B 126 30.59 4.31 -14.55
C VAL B 126 31.60 5.32 -14.01
N GLY B 127 31.35 5.81 -12.79
CA GLY B 127 32.18 6.81 -12.18
C GLY B 127 31.64 8.23 -12.28
N GLN B 128 30.66 8.46 -13.14
CA GLN B 128 30.07 9.78 -13.27
C GLN B 128 29.01 10.01 -12.20
N ILE B 129 28.95 11.24 -11.70
CA ILE B 129 27.94 11.65 -10.74
C ILE B 129 26.84 12.37 -11.51
N VAL B 130 25.63 11.80 -11.50
CA VAL B 130 24.51 12.32 -12.25
C VAL B 130 23.38 12.63 -11.28
N PRO B 131 22.82 13.84 -11.28
CA PRO B 131 21.68 14.14 -10.42
C PRO B 131 20.41 13.52 -10.98
N VAL B 132 19.73 12.71 -10.17
CA VAL B 132 18.56 11.96 -10.61
C VAL B 132 17.36 12.39 -9.77
N GLN B 133 16.18 11.99 -10.25
CA GLN B 133 14.92 12.23 -9.54
C GLN B 133 14.19 10.91 -9.38
N LEU B 134 13.70 10.66 -8.16
CA LEU B 134 12.99 9.41 -7.89
C LEU B 134 11.68 9.37 -8.66
N ALA B 135 11.34 8.18 -9.15
CA ALA B 135 10.16 8.01 -9.98
C ALA B 135 8.90 8.00 -9.13
N ASN B 136 7.75 7.92 -9.78
CA ASN B 136 6.45 7.91 -9.09
C ASN B 136 6.24 6.49 -8.58
N SER B 137 6.80 6.24 -7.39
CA SER B 137 6.69 4.97 -6.70
C SER B 137 7.16 5.15 -5.27
N SER B 138 6.83 4.16 -4.43
CA SER B 138 7.26 4.19 -3.05
C SER B 138 8.72 3.79 -2.94
N VAL B 139 9.38 4.30 -1.90
CA VAL B 139 10.76 3.94 -1.61
C VAL B 139 10.77 2.81 -0.60
N TYR B 140 11.46 1.73 -0.92
CA TYR B 140 11.45 0.53 -0.10
C TYR B 140 12.49 0.64 1.00
N TYR B 141 12.05 0.52 2.24
CA TYR B 141 12.93 0.54 3.41
C TYR B 141 12.91 -0.86 4.01
N ILE B 142 13.78 -1.72 3.47
CA ILE B 142 13.83 -3.11 3.93
C ILE B 142 14.53 -3.15 5.29
N PRO B 143 13.94 -3.77 6.31
CA PRO B 143 14.55 -3.76 7.64
C PRO B 143 15.93 -4.40 7.64
N GLY B 144 16.84 -3.80 8.39
CA GLY B 144 18.19 -4.31 8.54
C GLY B 144 19.19 -3.85 7.50
N ARG B 145 18.77 -3.06 6.52
CA ARG B 145 19.65 -2.61 5.45
C ARG B 145 20.19 -1.22 5.74
N GLN B 146 21.39 -0.95 5.26
CA GLN B 146 22.06 0.32 5.46
C GLN B 146 21.70 1.34 4.39
N GLN B 147 20.91 0.97 3.39
CA GLN B 147 20.51 1.87 2.32
C GLN B 147 19.00 1.74 2.10
N ALA B 148 18.49 2.54 1.17
CA ALA B 148 17.10 2.48 0.77
C ALA B 148 17.01 2.05 -0.69
N SER B 149 15.95 1.31 -1.01
CA SER B 149 15.71 0.84 -2.38
C SER B 149 14.75 1.79 -3.07
N ALA B 150 15.17 2.35 -4.20
CA ALA B 150 14.36 3.31 -4.93
C ALA B 150 14.66 3.19 -6.42
N THR B 151 13.72 3.67 -7.22
CA THR B 151 13.87 3.69 -8.67
C THR B 151 13.70 5.12 -9.17
N GLY B 152 14.45 5.46 -10.22
CA GLY B 152 14.38 6.79 -10.78
C GLY B 152 15.24 6.90 -12.01
N SER B 153 15.24 8.09 -12.59
CA SER B 153 16.02 8.38 -13.79
C SER B 153 16.66 9.75 -13.63
N ILE B 154 17.57 10.06 -14.57
CA ILE B 154 18.22 11.36 -14.57
C ILE B 154 17.18 12.45 -14.71
N PHE B 155 17.27 13.47 -13.86
CA PHE B 155 16.22 14.48 -13.75
C PHE B 155 16.21 15.36 -14.99
N ILE B 156 15.30 15.06 -15.92
CA ILE B 156 15.03 15.93 -17.06
C ILE B 156 13.92 16.88 -16.66
N PRO B 157 14.12 18.20 -16.74
CA PRO B 157 13.07 19.13 -16.33
C PRO B 157 11.79 18.93 -17.14
N LYS B 158 10.66 19.03 -16.45
CA LYS B 158 9.36 18.83 -17.09
C LYS B 158 8.88 20.12 -17.75
N HIS B 159 7.88 19.96 -18.63
CA HIS B 159 7.33 21.08 -19.36
C HIS B 159 5.87 21.38 -19.00
N THR B 160 5.22 20.54 -18.23
CA THR B 160 3.84 20.74 -17.82
C THR B 160 3.79 21.18 -16.36
N PHE B 161 2.57 21.36 -15.85
CA PHE B 161 2.35 21.78 -14.48
C PHE B 161 0.92 21.43 -14.10
N SER B 162 0.54 21.83 -12.88
CA SER B 162 -0.80 21.57 -12.36
C SER B 162 -1.39 22.85 -11.80
N VAL B 163 -2.70 22.99 -11.95
CA VAL B 163 -3.44 24.15 -11.46
C VAL B 163 -4.36 23.69 -10.35
N TYR B 164 -4.33 24.40 -9.23
CA TYR B 164 -5.12 24.06 -8.06
C TYR B 164 -6.21 25.10 -7.86
N HIS B 165 -7.47 24.67 -7.92
CA HIS B 165 -8.60 25.53 -7.63
C HIS B 165 -8.93 25.41 -6.15
N VAL B 166 -8.78 26.52 -5.42
CA VAL B 166 -8.95 26.56 -3.98
C VAL B 166 -10.29 27.21 -3.66
N GLN B 167 -11.16 26.45 -2.99
CA GLN B 167 -12.46 26.91 -2.56
C GLN B 167 -12.59 26.96 -1.05
N GLU B 168 -11.50 26.73 -0.32
CA GLU B 168 -11.50 26.73 1.13
C GLU B 168 -10.48 27.73 1.65
N GLU B 169 -10.86 28.46 2.70
CA GLU B 169 -9.96 29.42 3.32
C GLU B 169 -8.91 28.71 4.17
N LEU B 170 -7.80 29.41 4.40
CA LEU B 170 -6.70 28.87 5.20
C LEU B 170 -6.93 29.21 6.66
N THR B 171 -7.12 28.18 7.48
CA THR B 171 -7.37 28.38 8.90
C THR B 171 -6.08 28.80 9.63
N GLN B 172 -6.26 29.33 10.84
CA GLN B 172 -5.12 29.78 11.62
C GLN B 172 -4.21 28.62 12.01
N GLU B 173 -4.79 27.49 12.40
CA GLU B 173 -3.99 26.33 12.79
C GLU B 173 -3.20 25.80 11.59
N GLN B 174 -3.81 25.78 10.40
CA GLN B 174 -3.09 25.33 9.23
C GLN B 174 -1.94 26.26 8.88
N ALA B 175 -2.15 27.57 9.01
CA ALA B 175 -1.07 28.53 8.77
C ALA B 175 0.05 28.36 9.79
N LEU B 176 -0.31 28.11 11.05
CA LEU B 176 0.71 27.85 12.06
C LEU B 176 1.50 26.58 11.75
N ASN B 177 0.82 25.55 11.25
CA ASN B 177 1.54 24.34 10.82
C ASN B 177 2.46 24.63 9.64
N LEU B 178 2.00 25.43 8.68
CA LEU B 178 2.81 25.73 7.51
C LEU B 178 3.96 26.69 7.82
N THR B 179 3.90 27.39 8.95
CA THR B 179 5.04 28.24 9.31
C THR B 179 6.30 27.41 9.54
N LYS B 180 6.17 26.12 9.84
CA LYS B 180 7.36 25.27 9.95
C LYS B 180 8.01 25.05 8.60
N LEU B 181 7.21 24.78 7.56
CA LEU B 181 7.77 24.69 6.22
C LEU B 181 8.32 26.04 5.76
N VAL B 182 7.68 27.13 6.17
CA VAL B 182 8.20 28.46 5.85
C VAL B 182 9.57 28.66 6.49
N ASN B 183 9.72 28.22 7.74
CA ASN B 183 11.02 28.32 8.42
C ASN B 183 12.06 27.44 7.73
N ILE B 184 11.66 26.25 7.28
CA ILE B 184 12.59 25.39 6.56
C ILE B 184 13.07 26.07 5.27
N ILE B 185 12.14 26.67 4.53
CA ILE B 185 12.51 27.38 3.31
C ILE B 185 13.42 28.56 3.63
N GLU B 186 13.13 29.26 4.72
CA GLU B 186 13.97 30.39 5.11
C GLU B 186 15.39 29.94 5.42
N MET B 187 15.54 28.85 6.19
CA MET B 187 16.86 28.35 6.51
C MET B 187 17.58 27.86 5.25
N LEU B 188 16.84 27.25 4.32
CA LEU B 188 17.45 26.84 3.06
C LEU B 188 17.92 28.03 2.25
N LEU B 189 17.14 29.12 2.25
CA LEU B 189 17.53 30.32 1.53
C LEU B 189 18.78 30.96 2.13
N GLU B 190 18.85 31.03 3.47
CA GLU B 190 20.05 31.57 4.09
C GLU B 190 21.26 30.66 3.91
N SER B 191 21.05 29.35 3.81
CA SER B 191 22.17 28.46 3.50
C SER B 191 22.63 28.66 2.06
N ARG B 192 21.69 28.85 1.14
CA ARG B 192 22.02 29.08 -0.26
C ARG B 192 22.77 30.39 -0.45
N SER B 193 22.37 31.43 0.28
CA SER B 193 23.00 32.74 0.13
C SER B 193 24.49 32.71 0.43
N LYS B 194 24.95 31.74 1.22
CA LYS B 194 26.38 31.63 1.50
C LYS B 194 27.16 30.95 0.38
N LYS B 195 26.48 30.32 -0.57
CA LYS B 195 27.15 29.59 -1.63
C LYS B 195 27.53 30.52 -2.77
N ASP B 196 28.28 29.99 -3.73
CA ASP B 196 28.74 30.79 -4.87
C ASP B 196 27.56 31.15 -5.75
N PHE B 197 27.42 32.45 -6.05
CA PHE B 197 26.31 32.92 -6.86
C PHE B 197 26.46 32.48 -8.32
N LYS B 198 27.70 32.36 -8.81
CA LYS B 198 27.90 31.91 -10.18
C LYS B 198 27.40 30.49 -10.39
N GLN B 199 27.70 29.60 -9.45
CA GLN B 199 27.20 28.23 -9.56
C GLN B 199 25.68 28.18 -9.46
N ILE B 200 25.10 28.99 -8.58
CA ILE B 200 23.65 29.07 -8.47
C ILE B 200 23.04 29.47 -9.81
N CYS B 201 23.56 30.55 -10.41
CA CYS B 201 23.01 31.01 -11.68
C CYS B 201 23.20 29.98 -12.78
N PHE B 202 24.38 29.35 -12.82
CA PHE B 202 24.63 28.32 -13.84
C PHE B 202 23.64 27.18 -13.74
N PHE B 203 23.40 26.68 -12.52
CA PHE B 203 22.54 25.52 -12.37
C PHE B 203 21.07 25.88 -12.58
N GLU B 204 20.64 27.08 -12.15
CA GLU B 204 19.27 27.49 -12.44
C GLU B 204 19.04 27.70 -13.93
N LYS B 205 20.02 28.25 -14.64
CA LYS B 205 19.89 28.36 -16.09
C LYS B 205 19.92 26.98 -16.75
N LEU B 206 20.65 26.03 -16.16
CA LEU B 206 20.72 24.70 -16.74
C LEU B 206 19.42 23.94 -16.57
N TYR B 207 18.76 24.07 -15.41
CA TYR B 207 17.56 23.32 -15.11
C TYR B 207 16.28 24.13 -15.31
N TYR B 208 16.39 25.29 -15.95
CA TYR B 208 15.20 25.99 -16.43
C TYR B 208 14.50 25.16 -17.49
N THR B 209 13.17 25.13 -17.44
CA THR B 209 12.41 24.47 -18.50
C THR B 209 12.63 25.17 -19.83
N TYR B 210 12.62 26.50 -19.84
CA TYR B 210 12.92 27.27 -21.02
C TYR B 210 14.43 27.58 -21.04
N SER B 211 14.84 28.48 -21.92
CA SER B 211 16.22 28.92 -22.01
C SER B 211 16.30 30.40 -21.71
N ILE B 212 17.17 30.77 -20.78
CA ILE B 212 17.34 32.17 -20.42
C ILE B 212 17.97 32.92 -21.58
N SER B 213 17.37 34.05 -21.95
CA SER B 213 17.85 34.81 -23.10
C SER B 213 19.23 35.40 -22.84
N SER B 214 19.41 36.04 -21.69
CA SER B 214 20.67 36.70 -21.37
C SER B 214 20.78 36.82 -19.85
N ASP B 215 21.92 37.34 -19.40
CA ASP B 215 22.19 37.47 -17.97
C ASP B 215 21.35 38.59 -17.39
N GLU B 216 20.35 38.23 -16.59
CA GLU B 216 19.50 39.21 -15.91
C GLU B 216 18.98 38.55 -14.64
N ILE B 217 19.47 38.99 -13.49
CA ILE B 217 19.16 38.36 -12.21
C ILE B 217 17.98 39.07 -11.58
N LEU B 218 16.97 38.30 -11.19
CA LEU B 218 15.82 38.80 -10.47
C LEU B 218 16.07 38.67 -8.97
N ASP B 219 15.62 39.66 -8.20
CA ASP B 219 15.88 39.73 -6.77
C ASP B 219 14.60 40.05 -6.03
N LEU B 220 14.38 39.37 -4.91
CA LEU B 220 13.26 39.64 -4.01
C LEU B 220 13.71 40.03 -2.62
N LYS B 221 15.01 40.23 -2.41
CA LYS B 221 15.68 40.49 -1.13
C LYS B 221 15.65 39.26 -0.23
N ILE B 222 15.01 38.17 -0.64
CA ILE B 222 15.09 36.90 0.07
C ILE B 222 15.46 35.74 -0.83
N TRP B 223 15.34 35.87 -2.15
CA TRP B 223 15.77 34.85 -3.10
C TRP B 223 16.39 35.56 -4.30
N LYS B 224 17.57 35.12 -4.70
CA LYS B 224 18.31 35.74 -5.81
C LYS B 224 18.61 34.68 -6.85
N GLY B 225 18.24 34.95 -8.10
CA GLY B 225 18.50 34.04 -9.19
C GLY B 225 18.23 34.67 -10.54
N PRO B 226 18.53 33.95 -11.61
CA PRO B 226 18.27 34.48 -12.96
C PRO B 226 16.78 34.60 -13.23
N LYS B 227 16.44 35.57 -14.08
CA LYS B 227 15.06 35.82 -14.46
C LYS B 227 14.79 35.26 -15.84
N GLY B 228 13.64 34.59 -15.98
CA GLY B 228 13.29 33.92 -17.22
C GLY B 228 12.04 34.52 -17.83
N LYS B 229 11.25 33.65 -18.47
CA LYS B 229 10.07 34.09 -19.19
C LYS B 229 8.96 34.52 -18.22
N GLU B 230 7.95 35.16 -18.77
CA GLU B 230 6.79 35.63 -18.02
C GLU B 230 5.54 34.94 -18.55
N MET B 231 4.38 35.36 -18.05
CA MET B 231 3.09 34.82 -18.46
C MET B 231 2.21 36.00 -18.87
N SER B 232 2.32 36.41 -20.14
CA SER B 232 1.56 37.52 -20.68
C SER B 232 1.68 38.76 -19.81
N ARG B 233 0.60 39.14 -19.14
CA ARG B 233 0.60 40.28 -18.23
C ARG B 233 0.36 39.87 -16.78
N LEU B 234 0.37 38.57 -16.49
CA LEU B 234 0.15 38.09 -15.13
C LEU B 234 1.38 38.32 -14.28
N LYS B 235 1.17 38.72 -13.03
CA LYS B 235 2.30 38.92 -12.13
C LYS B 235 2.35 37.84 -11.07
N PRO B 236 3.55 37.38 -10.70
CA PRO B 236 3.67 36.39 -9.64
C PRO B 236 3.59 37.03 -8.26
N CYS B 237 3.29 36.20 -7.27
CA CYS B 237 3.18 36.64 -5.89
C CYS B 237 4.10 35.80 -5.03
N ASN B 238 4.70 36.44 -4.02
CA ASN B 238 5.58 35.74 -3.10
C ASN B 238 4.77 34.83 -2.19
N VAL B 239 5.22 33.58 -2.05
CA VAL B 239 4.48 32.63 -1.23
C VAL B 239 4.78 32.84 0.25
N LEU B 240 6.03 33.14 0.59
CA LEU B 240 6.39 33.37 1.99
C LEU B 240 5.66 34.58 2.55
N SER B 241 5.65 35.68 1.80
CA SER B 241 4.95 36.88 2.24
C SER B 241 3.45 36.63 2.34
N PHE B 242 2.89 35.87 1.38
CA PHE B 242 1.46 35.54 1.44
C PHE B 242 1.14 34.73 2.68
N LEU B 243 1.98 33.76 3.02
CA LEU B 243 1.76 32.97 4.23
C LEU B 243 1.87 33.84 5.48
N TYR B 244 2.87 34.73 5.51
CA TYR B 244 3.03 35.61 6.67
C TYR B 244 1.83 36.52 6.85
N ASP B 245 1.29 37.05 5.75
CA ASP B 245 0.09 37.88 5.84
C ASP B 245 -1.13 37.05 6.21
N ALA B 246 -1.20 35.80 5.74
CA ALA B 246 -2.32 34.94 6.10
C ALA B 246 -2.28 34.60 7.59
N LEU B 247 -1.10 34.56 8.19
CA LEU B 247 -1.02 34.41 9.64
C LEU B 247 -1.73 35.56 10.35
N LYS B 248 -1.72 36.75 9.77
CA LYS B 248 -2.40 37.90 10.32
C LYS B 248 -3.79 38.10 9.73
N ASN B 249 -4.26 37.18 8.88
CA ASN B 249 -5.58 37.25 8.26
C ASN B 249 -5.74 38.54 7.45
N LYS B 250 -4.91 38.67 6.41
CA LYS B 250 -4.92 39.84 5.55
C LYS B 250 -5.02 39.51 4.06
N ASN B 251 -5.19 38.25 3.69
CA ASN B 251 -5.24 37.86 2.29
C ASN B 251 -6.27 36.77 2.09
N SER B 252 -6.70 36.60 0.85
CA SER B 252 -7.65 35.57 0.46
C SER B 252 -6.94 34.54 -0.41
N SER B 253 -7.07 33.27 -0.04
CA SER B 253 -6.39 32.18 -0.73
C SER B 253 -7.25 31.51 -1.78
N LEU B 254 -8.47 31.99 -2.00
CA LEU B 254 -9.37 31.38 -2.97
C LEU B 254 -8.88 31.64 -4.39
N GLY B 255 -9.26 30.74 -5.29
CA GLY B 255 -8.98 30.94 -6.71
C GLY B 255 -8.02 29.92 -7.27
N PHE B 256 -7.45 30.26 -8.42
CA PHE B 256 -6.60 29.34 -9.17
C PHE B 256 -5.14 29.64 -8.87
N TRP B 257 -4.42 28.64 -8.38
CA TRP B 257 -3.00 28.73 -8.09
C TRP B 257 -2.22 27.86 -9.07
N ALA B 258 -1.09 28.37 -9.54
CA ALA B 258 -0.30 27.62 -10.52
C ALA B 258 1.16 28.01 -10.41
N ARG B 259 2.02 27.09 -10.81
CA ARG B 259 3.47 27.32 -10.94
C ARG B 259 3.90 26.84 -12.32
N PRO B 260 3.56 27.57 -13.37
CA PRO B 260 3.96 27.16 -14.72
C PRO B 260 5.46 27.21 -14.90
N PRO B 261 6.00 26.51 -15.90
CA PRO B 261 7.46 26.37 -15.99
C PRO B 261 8.22 27.69 -16.16
N ASN B 262 7.57 28.77 -16.58
CA ASN B 262 8.27 30.03 -16.75
C ASN B 262 8.82 30.56 -15.43
N LEU B 263 8.26 30.13 -14.30
CA LEU B 263 8.80 30.50 -13.01
C LEU B 263 9.95 29.58 -12.61
N LEU B 264 10.95 30.15 -11.97
CA LEU B 264 12.05 29.35 -11.43
C LEU B 264 11.53 28.51 -10.27
N LYS B 265 11.63 27.18 -10.41
CA LYS B 265 11.06 26.29 -9.42
C LYS B 265 11.71 26.42 -8.05
N SER B 266 12.93 26.98 -8.00
CA SER B 266 13.63 27.19 -6.73
C SER B 266 13.34 28.55 -6.12
N SER B 267 12.43 29.34 -6.73
CA SER B 267 12.02 30.65 -6.27
C SER B 267 10.68 30.55 -5.55
N PRO B 268 10.42 31.44 -4.58
CA PRO B 268 9.14 31.40 -3.85
C PRO B 268 7.97 32.04 -4.58
N LEU B 269 8.07 32.28 -5.87
CA LEU B 269 6.98 32.90 -6.62
C LEU B 269 5.92 31.87 -6.97
N ALA B 270 4.69 32.36 -7.15
CA ALA B 270 3.58 31.55 -7.61
C ALA B 270 2.55 32.47 -8.25
N TYR B 271 1.66 31.88 -9.04
CA TYR B 271 0.62 32.63 -9.73
C TYR B 271 -0.73 32.36 -9.09
N GLN B 272 -1.41 33.42 -8.69
CA GLN B 272 -2.77 33.33 -8.15
C GLN B 272 -3.69 34.21 -8.97
N GLN B 273 -4.83 33.65 -9.39
CA GLN B 273 -5.78 34.36 -10.23
C GLN B 273 -7.20 34.06 -9.77
N ASP B 274 -8.12 34.95 -10.16
CA ASP B 274 -9.54 34.73 -9.93
C ASP B 274 -10.20 33.93 -11.03
N GLN B 275 -9.50 33.71 -12.15
CA GLN B 275 -10.01 32.90 -13.25
C GLN B 275 -8.90 31.98 -13.73
N ASN B 276 -9.30 30.85 -14.32
CA ASN B 276 -8.35 29.85 -14.80
C ASN B 276 -7.76 30.33 -16.12
N SER B 277 -6.80 31.23 -16.01
CA SER B 277 -6.12 31.80 -17.17
C SER B 277 -4.91 30.98 -17.60
N PHE B 278 -4.56 29.94 -16.86
CA PHE B 278 -3.40 29.11 -17.20
C PHE B 278 -3.76 28.12 -18.30
N ASN B 279 -2.91 28.02 -19.31
CA ASN B 279 -3.16 27.12 -20.42
C ASN B 279 -2.73 25.70 -20.08
N ALA B 280 -3.25 25.18 -18.97
CA ALA B 280 -2.94 23.81 -18.56
C ALA B 280 -3.68 22.81 -19.44
N THR B 281 -3.14 21.59 -19.50
CA THR B 281 -3.68 20.54 -20.35
C THR B 281 -4.40 19.46 -19.55
N GLU B 282 -4.94 19.82 -18.39
CA GLU B 282 -5.70 18.87 -17.59
C GLU B 282 -6.71 19.65 -16.75
N LEU B 283 -7.66 18.91 -16.19
CA LEU B 283 -8.68 19.53 -15.35
C LEU B 283 -8.03 20.08 -14.08
N PRO B 284 -8.33 21.33 -13.71
CA PRO B 284 -7.79 21.86 -12.45
C PRO B 284 -8.20 20.99 -11.27
N ILE B 285 -7.28 20.83 -10.32
CA ILE B 285 -7.48 20.00 -9.15
C ILE B 285 -8.20 20.82 -8.09
N ILE B 286 -9.40 20.40 -7.70
CA ILE B 286 -10.14 21.07 -6.64
C ILE B 286 -9.54 20.66 -5.30
N CYS B 287 -9.03 21.64 -4.56
CA CYS B 287 -8.38 21.36 -3.29
C CYS B 287 -8.52 22.58 -2.39
N SER B 288 -8.24 22.38 -1.10
CA SER B 288 -8.25 23.46 -0.13
C SER B 288 -6.97 24.28 -0.27
N ALA B 289 -6.95 25.42 0.43
CA ALA B 289 -5.74 26.26 0.42
C ALA B 289 -4.57 25.54 1.07
N GLU B 290 -4.83 24.78 2.13
CA GLU B 290 -3.75 24.10 2.84
C GLU B 290 -3.07 23.05 1.96
N VAL B 291 -3.85 22.31 1.17
CA VAL B 291 -3.27 21.29 0.29
C VAL B 291 -2.37 21.92 -0.75
N MET B 292 -2.86 22.97 -1.42
CA MET B 292 -2.06 23.64 -2.44
C MET B 292 -0.80 24.24 -1.83
N PHE B 293 -0.94 24.85 -0.65
CA PHE B 293 0.22 25.47 -0.01
C PHE B 293 1.25 24.42 0.39
N VAL B 294 0.80 23.26 0.90
CA VAL B 294 1.71 22.18 1.24
C VAL B 294 2.46 21.73 -0.01
N THR B 295 1.73 21.52 -1.11
CA THR B 295 2.37 21.06 -2.33
C THR B 295 3.41 22.06 -2.83
N LEU B 296 3.04 23.35 -2.89
CA LEU B 296 3.96 24.35 -3.40
C LEU B 296 5.16 24.53 -2.49
N LEU B 297 4.94 24.55 -1.17
CA LEU B 297 6.05 24.70 -0.23
C LEU B 297 7.02 23.53 -0.34
N LYS B 298 6.50 22.30 -0.45
CA LYS B 298 7.41 21.16 -0.56
C LYS B 298 8.13 21.15 -1.91
N GLU B 299 7.47 21.62 -2.97
CA GLU B 299 8.17 21.73 -4.25
C GLU B 299 9.31 22.75 -4.17
N ILE B 300 9.06 23.88 -3.51
CA ILE B 300 10.12 24.88 -3.33
C ILE B 300 11.25 24.30 -2.49
N ILE B 301 10.92 23.57 -1.43
CA ILE B 301 11.94 22.92 -0.61
C ILE B 301 12.77 21.96 -1.46
N ASN B 302 12.09 21.14 -2.27
CA ASN B 302 12.78 20.15 -3.07
C ASN B 302 13.75 20.81 -4.04
N TYR B 303 13.31 21.87 -4.73
CA TYR B 303 14.18 22.50 -5.72
C TYR B 303 15.31 23.28 -5.06
N LEU B 304 15.04 23.94 -3.93
CA LEU B 304 16.11 24.63 -3.21
C LEU B 304 17.18 23.65 -2.75
N GLN B 305 16.76 22.52 -2.17
CA GLN B 305 17.72 21.51 -1.75
C GLN B 305 18.47 20.93 -2.95
N PHE B 306 17.78 20.72 -4.07
CA PHE B 306 18.42 20.19 -5.26
C PHE B 306 19.53 21.12 -5.74
N ILE B 307 19.23 22.42 -5.84
CA ILE B 307 20.23 23.38 -6.30
C ILE B 307 21.39 23.46 -5.31
N ASN B 308 21.08 23.48 -4.01
CA ASN B 308 22.14 23.59 -3.01
C ASN B 308 23.08 22.38 -3.06
N ASP B 309 22.51 21.17 -3.14
CA ASP B 309 23.35 19.98 -3.20
C ASP B 309 24.10 19.88 -4.52
N LEU B 310 23.50 20.35 -5.62
CA LEU B 310 24.20 20.36 -6.89
C LEU B 310 25.41 21.28 -6.85
N CYS B 311 25.26 22.45 -6.22
CA CYS B 311 26.41 23.34 -6.07
C CYS B 311 27.45 22.76 -5.11
N ASP B 312 26.99 22.06 -4.07
CA ASP B 312 27.92 21.45 -3.13
C ASP B 312 28.75 20.35 -3.79
N THR B 313 28.11 19.54 -4.65
CA THR B 313 28.81 18.40 -5.24
C THR B 313 29.83 18.85 -6.28
N PHE B 314 29.45 19.78 -7.15
CA PHE B 314 30.31 20.22 -8.25
C PHE B 314 30.91 21.57 -7.86
N ASN B 315 32.08 21.51 -7.21
CA ASN B 315 32.72 22.69 -6.64
C ASN B 315 33.80 23.28 -7.52
N ASN B 316 34.06 22.71 -8.70
CA ASN B 316 35.11 23.22 -9.57
C ASN B 316 34.76 22.93 -11.02
N GLU B 317 35.44 23.64 -11.93
CA GLU B 317 35.17 23.48 -13.35
C GLU B 317 35.64 22.14 -13.89
N GLN B 318 36.54 21.44 -13.18
CA GLN B 318 36.99 20.14 -13.65
C GLN B 318 35.83 19.14 -13.69
N LEU B 319 35.00 19.12 -12.63
CA LEU B 319 33.85 18.23 -12.62
C LEU B 319 32.83 18.62 -13.69
N ILE B 320 32.66 19.91 -13.93
CA ILE B 320 31.73 20.35 -14.97
C ILE B 320 32.20 19.90 -16.34
N LYS B 321 33.49 20.05 -16.62
CA LYS B 321 34.03 19.57 -17.88
C LYS B 321 33.96 18.05 -17.99
N ARG B 322 34.13 17.33 -16.88
CA ARG B 322 33.97 15.88 -16.89
C ARG B 322 32.53 15.47 -17.18
N HIS B 323 31.56 16.21 -16.66
CA HIS B 323 30.15 15.87 -16.79
C HIS B 323 29.45 16.66 -17.90
N GLU B 324 30.22 17.33 -18.77
CA GLU B 324 29.62 18.03 -19.89
C GLU B 324 28.77 17.11 -20.77
N ASN B 325 29.07 15.81 -20.78
CA ASN B 325 28.23 14.89 -21.54
C ASN B 325 26.82 14.84 -20.98
N ILE B 326 26.69 14.80 -19.64
CA ILE B 326 25.37 14.85 -19.02
C ILE B 326 24.76 16.24 -19.15
N TRP B 327 25.59 17.29 -19.05
CA TRP B 327 25.06 18.65 -19.12
C TRP B 327 24.45 18.94 -20.48
N MET B 328 25.11 18.51 -21.56
CA MET B 328 24.58 18.73 -22.90
C MET B 328 23.30 17.93 -23.11
N LEU B 329 23.24 16.71 -22.57
CA LEU B 329 22.03 15.92 -22.66
C LEU B 329 20.88 16.60 -21.95
N ILE B 330 21.15 17.20 -20.79
CA ILE B 330 20.13 17.97 -20.07
C ILE B 330 19.70 19.17 -20.90
N GLU B 331 20.67 19.86 -21.51
CA GLU B 331 20.39 21.07 -22.28
C GLU B 331 19.53 20.77 -23.50
N GLN B 332 19.75 19.60 -24.14
CA GLN B 332 19.06 19.29 -25.38
C GLN B 332 17.55 19.19 -25.17
N ARG B 333 17.11 18.52 -24.10
CA ARG B 333 15.69 18.29 -23.86
C ARG B 333 15.06 19.55 -23.23
N LYS B 334 14.90 20.57 -24.08
CA LYS B 334 14.28 21.82 -23.67
C LYS B 334 13.33 22.29 -24.77
N ILE B 335 12.19 22.85 -24.36
CA ILE B 335 11.24 23.37 -25.32
C ILE B 335 11.73 24.72 -25.85
N GLY B 336 11.51 24.96 -27.14
CA GLY B 336 11.95 26.19 -27.77
C GLY B 336 11.19 27.41 -27.27
N PRO C 74 -7.26 7.13 -20.28
CA PRO C 74 -7.48 6.42 -21.54
C PRO C 74 -8.95 6.05 -21.75
N ILE C 75 -9.43 5.08 -20.99
CA ILE C 75 -10.81 4.62 -21.07
C ILE C 75 -11.45 4.80 -19.70
N GLU C 76 -12.64 5.41 -19.70
CA GLU C 76 -13.38 5.66 -18.47
C GLU C 76 -13.69 4.34 -17.76
N ALA C 77 -13.93 3.28 -18.53
CA ALA C 77 -14.16 1.96 -17.96
C ALA C 77 -12.92 1.48 -17.21
N TYR C 78 -11.75 1.66 -17.81
CA TYR C 78 -10.49 1.28 -17.18
C TYR C 78 -10.26 2.09 -15.90
N ILE C 79 -10.54 3.39 -15.97
CA ILE C 79 -10.36 4.24 -14.80
C ILE C 79 -11.28 3.81 -13.66
N ARG C 80 -12.55 3.53 -13.97
CA ARG C 80 -13.48 3.09 -12.93
C ARG C 80 -13.09 1.72 -12.39
N GLN C 81 -12.60 0.82 -13.25
CA GLN C 81 -12.13 -0.48 -12.78
C GLN C 81 -10.97 -0.30 -11.80
N LEU C 82 -10.07 0.64 -12.09
CA LEU C 82 -9.01 0.95 -11.14
C LEU C 82 -9.58 1.52 -9.84
N LEU C 83 -10.64 2.33 -9.94
CA LEU C 83 -11.25 2.93 -8.76
C LEU C 83 -12.08 1.94 -7.95
N VAL C 84 -12.50 0.83 -8.56
CA VAL C 84 -13.38 -0.12 -7.86
C VAL C 84 -12.59 -0.93 -6.83
N ASP C 85 -11.27 -0.98 -6.96
CA ASP C 85 -10.44 -1.88 -6.15
C ASP C 85 -10.66 -1.77 -4.64
N PRO C 86 -10.68 -0.58 -4.01
CA PRO C 86 -10.83 -0.53 -2.57
C PRO C 86 -12.24 -0.87 -2.12
N ASP C 87 -12.36 -1.24 -0.84
CA ASP C 87 -13.67 -1.51 -0.26
C ASP C 87 -14.55 -0.26 -0.24
N VAL C 88 -13.93 0.91 -0.19
CA VAL C 88 -14.64 2.17 -0.29
C VAL C 88 -15.13 2.33 -1.73
N VAL C 89 -15.94 3.36 -1.97
CA VAL C 89 -16.64 3.65 -3.23
C VAL C 89 -17.25 2.38 -3.82
N PRO C 90 -18.34 1.87 -3.23
CA PRO C 90 -19.16 0.89 -3.94
C PRO C 90 -19.93 1.56 -5.06
N ILE C 91 -20.55 0.73 -5.89
CA ILE C 91 -21.20 1.24 -7.11
C ILE C 91 -22.66 0.79 -7.12
N VAL C 92 -23.47 1.52 -7.89
CA VAL C 92 -24.88 1.19 -8.11
C VAL C 92 -25.04 0.73 -9.55
N SER C 93 -25.81 -0.34 -9.73
CA SER C 93 -26.01 -0.95 -11.04
C SER C 93 -27.42 -0.66 -11.55
N GLU C 94 -27.54 -0.57 -12.87
CA GLU C 94 -28.80 -0.25 -13.54
C GLU C 94 -28.97 -1.19 -14.74
N LYS C 95 -30.19 -1.27 -15.24
CA LYS C 95 -30.50 -2.06 -16.42
C LYS C 95 -30.57 -1.20 -17.69
N LYS C 96 -30.10 0.05 -17.61
CA LYS C 96 -30.12 0.96 -18.75
C LYS C 96 -29.14 0.54 -19.85
N LYS C 97 -28.24 -0.41 -19.57
CA LYS C 97 -27.28 -0.92 -20.55
C LYS C 97 -26.33 0.17 -21.02
N GLU C 98 -25.61 0.78 -20.08
CA GLU C 98 -24.64 1.81 -20.39
C GLU C 98 -23.54 1.80 -19.33
N LEU C 99 -22.38 2.35 -19.70
CA LEU C 99 -21.24 2.50 -18.79
C LEU C 99 -20.80 1.16 -18.20
N ARG C 100 -20.89 0.08 -18.98
CA ARG C 100 -20.59 -1.25 -18.47
C ARG C 100 -19.12 -1.36 -18.07
N VAL C 101 -18.87 -2.08 -16.98
CA VAL C 101 -17.52 -2.31 -16.49
C VAL C 101 -17.52 -3.60 -15.68
N ARG C 102 -16.34 -4.22 -15.56
CA ARG C 102 -16.17 -5.46 -14.84
C ARG C 102 -15.04 -5.32 -13.83
N PRO C 103 -15.27 -5.66 -12.57
CA PRO C 103 -14.23 -5.50 -11.54
C PRO C 103 -13.14 -6.56 -11.67
N SER C 104 -12.02 -6.30 -11.01
CA SER C 104 -10.92 -7.25 -10.96
C SER C 104 -11.05 -8.27 -9.84
N THR C 105 -12.04 -8.11 -8.97
CA THR C 105 -12.30 -9.05 -7.88
C THR C 105 -13.76 -8.92 -7.49
N ARG C 106 -14.19 -9.75 -6.54
CA ARG C 106 -15.56 -9.67 -6.08
C ARG C 106 -15.83 -8.30 -5.48
N LYS C 107 -17.00 -7.74 -5.81
CA LYS C 107 -17.32 -6.37 -5.41
C LYS C 107 -18.74 -6.32 -4.89
N GLU C 108 -18.92 -5.66 -3.75
CA GLU C 108 -20.25 -5.45 -3.19
C GLU C 108 -20.83 -4.16 -3.78
N ILE C 109 -21.99 -4.27 -4.43
CA ILE C 109 -22.60 -3.18 -5.15
C ILE C 109 -24.04 -3.03 -4.69
N PHE C 110 -24.65 -1.91 -5.09
CA PHE C 110 -26.03 -1.62 -4.81
C PHE C 110 -26.82 -1.54 -6.12
N LEU C 111 -28.13 -1.50 -5.98
CA LEU C 111 -29.03 -1.28 -7.11
C LEU C 111 -30.04 -0.19 -6.74
N ILE C 112 -30.62 0.43 -7.76
CA ILE C 112 -31.70 1.38 -7.53
C ILE C 112 -32.80 0.67 -6.74
N ASN C 113 -33.38 1.40 -5.78
CA ASN C 113 -34.23 0.98 -4.66
C ASN C 113 -33.40 0.46 -3.50
N GLY C 114 -32.08 0.43 -3.61
CA GLY C 114 -31.21 0.15 -2.49
C GLY C 114 -31.21 -1.28 -1.97
N THR C 115 -30.69 -2.20 -2.77
CA THR C 115 -30.47 -3.58 -2.35
C THR C 115 -29.00 -3.92 -2.53
N HIS C 116 -28.41 -4.50 -1.48
CA HIS C 116 -26.98 -4.76 -1.43
C HIS C 116 -26.69 -6.18 -1.89
N LEU C 117 -25.95 -6.31 -3.00
CA LEU C 117 -25.60 -7.62 -3.52
C LEU C 117 -24.14 -7.62 -3.96
N ALA C 118 -23.49 -8.77 -3.81
CA ALA C 118 -22.11 -8.90 -4.27
C ALA C 118 -22.08 -9.51 -5.66
N VAL C 119 -20.96 -9.29 -6.34
CA VAL C 119 -20.72 -9.88 -7.66
C VAL C 119 -19.34 -10.52 -7.65
N PRO C 120 -19.12 -11.60 -8.41
CA PRO C 120 -17.81 -12.26 -8.42
C PRO C 120 -16.75 -11.47 -9.14
N ALA C 121 -15.56 -12.07 -9.30
CA ALA C 121 -14.41 -11.37 -9.86
C ALA C 121 -14.59 -10.94 -11.31
N GLU C 122 -15.70 -11.30 -11.95
CA GLU C 122 -15.97 -10.86 -13.31
C GLU C 122 -17.45 -10.94 -13.55
N ALA C 123 -18.10 -9.78 -13.70
CA ALA C 123 -19.54 -9.72 -13.94
C ALA C 123 -19.89 -8.40 -14.60
N PRO C 124 -20.53 -8.41 -15.77
CA PRO C 124 -20.86 -7.15 -16.43
C PRO C 124 -21.95 -6.40 -15.70
N ILE C 125 -21.58 -5.31 -15.02
CA ILE C 125 -22.51 -4.50 -14.25
C ILE C 125 -22.54 -3.11 -14.86
N GLU C 126 -23.71 -2.71 -15.35
CA GLU C 126 -23.89 -1.36 -15.86
C GLU C 126 -23.77 -0.37 -14.72
N ILE C 127 -23.15 0.77 -14.98
CA ILE C 127 -22.71 1.67 -13.93
C ILE C 127 -23.68 2.84 -13.91
N TYR C 128 -24.63 2.83 -12.96
CA TYR C 128 -25.55 3.97 -12.85
C TYR C 128 -24.87 5.18 -12.25
N GLY C 129 -24.05 4.97 -11.23
CA GLY C 129 -23.37 6.07 -10.57
C GLY C 129 -22.41 5.52 -9.53
N LEU C 130 -21.66 6.44 -8.93
CA LEU C 130 -20.62 6.11 -7.97
C LEU C 130 -20.95 6.72 -6.62
N LYS C 131 -20.79 5.91 -5.56
CA LYS C 131 -21.04 6.36 -4.19
C LYS C 131 -19.80 6.06 -3.35
N LEU C 132 -18.98 7.08 -3.15
CA LEU C 132 -17.82 6.94 -2.27
C LEU C 132 -18.25 7.12 -0.82
N ARG C 133 -18.04 6.09 -0.01
CA ARG C 133 -18.41 6.12 1.39
C ARG C 133 -17.34 6.82 2.22
N LEU C 134 -17.76 7.73 3.09
CA LEU C 134 -16.86 8.44 3.97
C LEU C 134 -16.84 7.71 5.31
N LYS C 135 -15.82 6.90 5.53
CA LYS C 135 -15.72 6.12 6.76
C LYS C 135 -15.34 7.03 7.93
N THR C 136 -15.91 6.74 9.09
CA THR C 136 -15.66 7.51 10.32
C THR C 136 -14.95 6.60 11.31
N PHE C 137 -13.69 6.90 11.59
CA PHE C 137 -12.90 6.15 12.55
C PHE C 137 -12.88 6.91 13.88
N SER C 138 -12.07 6.41 14.81
CA SER C 138 -11.85 7.07 16.09
C SER C 138 -10.39 7.49 16.22
N PRO C 139 -10.11 8.57 16.96
CA PRO C 139 -8.71 8.98 17.14
C PRO C 139 -7.85 7.91 17.79
N GLN C 140 -8.45 6.99 18.54
CA GLN C 140 -7.69 5.89 19.12
C GLN C 140 -7.10 4.98 18.05
N CYS C 141 -7.77 4.81 16.91
CA CYS C 141 -7.20 4.03 15.82
C CYS C 141 -5.93 4.68 15.28
N PHE C 142 -5.96 6.01 15.09
CA PHE C 142 -4.76 6.71 14.66
C PHE C 142 -3.67 6.65 15.72
N MET C 143 -4.05 6.73 16.99
CA MET C 143 -3.08 6.59 18.08
C MET C 143 -2.40 5.22 18.03
N ARG C 144 -3.19 4.16 17.82
CA ARG C 144 -2.63 2.82 17.75
C ARG C 144 -1.71 2.67 16.55
N MET C 145 -2.12 3.21 15.39
CA MET C 145 -1.29 3.08 14.19
C MET C 145 -0.01 3.89 14.30
N ALA C 146 -0.04 5.04 14.98
CA ALA C 146 1.20 5.77 15.22
C ALA C 146 2.06 5.08 16.27
N GLU C 147 1.42 4.38 17.22
CA GLU C 147 2.16 3.58 18.18
C GLU C 147 2.92 2.46 17.48
N ILE C 148 2.29 1.81 16.50
CA ILE C 148 2.99 0.79 15.72
C ILE C 148 4.15 1.42 14.96
N GLY C 149 3.89 2.52 14.25
CA GLY C 149 4.94 3.34 13.69
C GLY C 149 5.48 2.91 12.33
N SER C 150 5.08 1.75 11.83
CA SER C 150 5.60 1.25 10.56
C SER C 150 4.65 1.48 9.40
N PHE C 151 3.53 2.15 9.62
CA PHE C 151 2.53 2.30 8.58
C PHE C 151 2.96 3.35 7.55
N SER C 152 2.49 3.16 6.32
CA SER C 152 2.80 4.08 5.24
C SER C 152 2.04 5.39 5.43
N PRO C 153 2.57 6.50 4.92
CA PRO C 153 1.83 7.77 4.98
C PRO C 153 0.48 7.71 4.28
N GLU C 154 0.34 6.91 3.23
CA GLU C 154 -0.93 6.82 2.51
C GLU C 154 -2.03 6.23 3.39
N THR C 155 -1.68 5.32 4.29
CA THR C 155 -2.65 4.75 5.22
C THR C 155 -2.86 5.63 6.44
N LEU C 156 -1.79 6.24 6.95
CA LEU C 156 -1.90 7.14 8.09
C LEU C 156 -2.79 8.33 7.77
N GLY C 157 -2.58 8.93 6.60
CA GLY C 157 -3.41 10.06 6.19
C GLY C 157 -4.85 9.66 5.95
N TYR C 158 -5.07 8.48 5.38
CA TYR C 158 -6.42 7.99 5.17
C TYR C 158 -7.16 7.84 6.50
N VAL C 159 -6.50 7.24 7.49
CA VAL C 159 -7.13 7.04 8.78
C VAL C 159 -7.33 8.37 9.49
N ALA C 160 -6.36 9.29 9.37
CA ALA C 160 -6.51 10.59 10.00
C ALA C 160 -7.68 11.37 9.40
N SER C 161 -7.85 11.30 8.08
CA SER C 161 -9.01 11.92 7.46
C SER C 161 -10.30 11.25 7.91
N GLY C 162 -10.27 9.92 8.04
CA GLY C 162 -11.44 9.21 8.55
C GLY C 162 -11.70 9.46 10.03
N ALA C 163 -10.67 9.81 10.79
CA ALA C 163 -10.80 10.10 12.21
C ALA C 163 -11.01 11.59 12.49
N ASN C 164 -11.21 12.39 11.44
CA ASN C 164 -11.44 13.83 11.51
C ASN C 164 -10.25 14.61 12.04
N LEU C 165 -9.07 13.97 12.15
CA LEU C 165 -7.87 14.72 12.50
C LEU C 165 -7.40 15.56 11.31
N THR C 166 -7.71 15.13 10.09
CA THR C 166 -7.51 15.90 8.88
C THR C 166 -8.76 15.80 8.02
N ASN C 167 -8.82 16.62 6.97
CA ASN C 167 -10.01 16.68 6.13
C ASN C 167 -9.67 16.60 4.65
N PHE C 168 -8.55 15.95 4.31
CA PHE C 168 -8.14 15.87 2.92
C PHE C 168 -9.15 15.10 2.07
N ILE C 169 -9.67 14.00 2.59
CA ILE C 169 -10.63 13.20 1.84
C ILE C 169 -11.88 14.02 1.55
N ARG C 170 -12.43 14.69 2.58
CA ARG C 170 -13.62 15.50 2.38
C ARG C 170 -13.34 16.78 1.59
N VAL C 171 -12.07 17.15 1.44
CA VAL C 171 -11.73 18.34 0.66
C VAL C 171 -11.64 18.01 -0.82
N PHE C 172 -10.94 16.91 -1.16
CA PHE C 172 -10.83 16.53 -2.56
C PHE C 172 -12.16 16.06 -3.13
N MET C 173 -13.03 15.53 -2.26
CA MET C 173 -14.37 15.12 -2.63
C MET C 173 -15.31 16.33 -2.60
N LYS C 174 -16.63 16.08 -2.53
CA LYS C 174 -17.68 17.09 -2.68
C LYS C 174 -17.85 17.52 -4.14
N CYS C 175 -17.82 16.53 -5.04
CA CYS C 175 -18.36 16.68 -6.39
C CYS C 175 -19.78 16.13 -6.50
N VAL C 176 -20.52 16.13 -5.39
CA VAL C 176 -21.84 15.51 -5.35
C VAL C 176 -22.79 16.27 -6.26
N ASP C 177 -23.52 15.52 -7.11
CA ASP C 177 -24.54 16.13 -7.96
C ASP C 177 -25.66 16.73 -7.13
N GLN C 178 -26.39 15.87 -6.43
CA GLN C 178 -27.54 16.25 -5.60
C GLN C 178 -27.75 15.14 -4.58
N GLU C 179 -28.92 15.15 -3.94
CA GLU C 179 -29.36 14.01 -3.13
C GLU C 179 -30.04 12.98 -4.03
N THR C 180 -29.31 12.58 -5.08
CA THR C 180 -29.83 11.66 -6.08
C THR C 180 -29.89 10.22 -5.59
N TRP C 181 -29.21 9.89 -4.50
CA TRP C 181 -29.24 8.55 -3.96
C TRP C 181 -28.95 8.62 -2.47
N LYS C 182 -29.83 8.04 -1.66
CA LYS C 182 -29.72 8.08 -0.20
C LYS C 182 -29.74 6.67 0.35
N LYS C 183 -28.85 6.39 1.29
CA LYS C 183 -28.82 5.13 2.01
C LYS C 183 -28.24 5.37 3.40
N ASN C 184 -27.84 4.28 4.07
CA ASN C 184 -27.30 4.38 5.41
C ASN C 184 -25.98 5.16 5.41
N GLY C 185 -24.97 4.64 4.73
CA GLY C 185 -23.67 5.29 4.72
C GLY C 185 -23.72 6.63 4.02
N GLU C 186 -23.07 7.62 4.63
CA GLU C 186 -22.94 8.95 4.04
C GLU C 186 -21.70 9.02 3.17
N GLY C 187 -21.75 9.87 2.15
CA GLY C 187 -20.62 10.00 1.26
C GLY C 187 -20.99 10.83 0.04
N VAL C 188 -20.21 10.62 -1.02
CA VAL C 188 -20.36 11.37 -2.27
C VAL C 188 -21.10 10.49 -3.27
N VAL C 189 -22.28 10.94 -3.70
CA VAL C 189 -23.07 10.25 -4.71
C VAL C 189 -23.01 11.07 -6.00
N VAL C 190 -22.65 10.41 -7.10
CA VAL C 190 -22.57 11.05 -8.40
C VAL C 190 -23.25 10.15 -9.43
N THR C 191 -24.28 10.67 -10.10
CA THR C 191 -25.02 9.91 -11.12
C THR C 191 -25.22 10.80 -12.34
N THR C 192 -24.24 10.79 -13.25
CA THR C 192 -24.33 11.38 -14.58
C THR C 192 -23.06 11.01 -15.33
N LYS C 193 -22.94 11.51 -16.56
CA LYS C 193 -21.78 11.16 -17.39
C LYS C 193 -20.53 11.93 -16.98
N GLU C 194 -20.57 13.26 -17.07
CA GLU C 194 -19.37 14.06 -16.88
C GLU C 194 -18.94 14.12 -15.41
N ASN C 195 -19.91 14.18 -14.49
CA ASN C 195 -19.53 14.26 -13.09
C ASN C 195 -18.90 12.97 -12.58
N ILE C 196 -19.13 11.84 -13.24
CA ILE C 196 -18.36 10.64 -12.91
C ILE C 196 -16.90 10.81 -13.31
N ILE C 197 -16.66 11.48 -14.44
CA ILE C 197 -15.30 11.81 -14.83
C ILE C 197 -14.67 12.75 -13.81
N GLN C 198 -15.44 13.73 -13.33
CA GLN C 198 -14.93 14.63 -12.29
C GLN C 198 -14.63 13.87 -11.01
N PHE C 199 -15.50 12.93 -10.64
CA PHE C 199 -15.27 12.10 -9.45
C PHE C 199 -13.98 11.30 -9.58
N THR C 200 -13.77 10.67 -10.75
CA THR C 200 -12.55 9.91 -10.96
C THR C 200 -11.32 10.80 -10.90
N HIS C 201 -11.40 11.99 -11.51
CA HIS C 201 -10.28 12.92 -11.46
C HIS C 201 -9.96 13.34 -10.03
N GLN C 202 -11.00 13.65 -9.25
CA GLN C 202 -10.79 14.05 -7.86
C GLN C 202 -10.20 12.92 -7.03
N TYR C 203 -10.69 11.69 -7.25
CA TYR C 203 -10.13 10.54 -6.53
C TYR C 203 -8.66 10.32 -6.87
N ILE C 204 -8.32 10.39 -8.16
CA ILE C 204 -6.94 10.20 -8.58
C ILE C 204 -6.05 11.28 -7.98
N GLU C 205 -6.50 12.54 -8.03
CA GLU C 205 -5.70 13.62 -7.47
C GLU C 205 -5.57 13.50 -5.96
N LEU C 206 -6.63 13.06 -5.28
CA LEU C 206 -6.57 12.87 -3.84
C LEU C 206 -5.53 11.82 -3.47
N TYR C 207 -5.52 10.69 -4.19
CA TYR C 207 -4.54 9.67 -3.85
C TYR C 207 -3.13 10.05 -4.27
N LYS C 208 -2.99 10.83 -5.35
CA LYS C 208 -1.68 11.38 -5.68
C LYS C 208 -1.17 12.30 -4.58
N PHE C 209 -2.05 13.13 -4.02
CA PHE C 209 -1.66 13.98 -2.90
C PHE C 209 -1.29 13.15 -1.68
N LEU C 210 -2.06 12.10 -1.39
CA LEU C 210 -1.75 11.25 -0.24
C LEU C 210 -0.42 10.53 -0.43
N ARG C 211 -0.04 10.23 -1.67
CA ARG C 211 1.25 9.62 -1.95
C ARG C 211 2.32 10.64 -2.33
N SER C 212 2.01 11.93 -2.30
CA SER C 212 2.94 12.95 -2.74
C SER C 212 4.02 13.20 -1.69
N GLY C 213 5.02 14.01 -2.06
CA GLY C 213 6.01 14.44 -1.09
C GLY C 213 5.37 15.21 0.05
N GLY C 214 4.50 16.16 -0.29
CA GLY C 214 3.62 16.73 0.71
C GLY C 214 2.65 15.70 1.24
N HIS C 215 2.10 15.97 2.42
CA HIS C 215 1.29 15.05 3.20
C HIS C 215 2.12 13.91 3.79
N SER C 216 3.40 13.82 3.43
CA SER C 216 4.34 12.94 4.10
C SER C 216 5.10 13.66 5.20
N TRP C 217 5.47 14.92 4.96
CA TRP C 217 5.96 15.77 6.05
C TRP C 217 4.84 16.09 7.03
N LEU C 218 3.60 16.16 6.56
CA LEU C 218 2.49 16.59 7.40
C LEU C 218 2.02 15.47 8.32
N ILE C 219 1.66 14.31 7.75
CA ILE C 219 1.10 13.24 8.56
C ILE C 219 2.15 12.72 9.55
N ASN C 220 3.40 12.64 9.11
CA ASN C 220 4.46 12.21 10.02
C ASN C 220 4.66 13.22 11.15
N ARG C 221 4.62 14.51 10.82
CA ARG C 221 4.76 15.55 11.83
C ARG C 221 3.66 15.44 12.89
N LEU C 222 2.40 15.34 12.45
CA LEU C 222 1.31 15.31 13.41
C LEU C 222 1.28 13.99 14.18
N ALA C 223 1.60 12.88 13.53
CA ALA C 223 1.63 11.59 14.22
C ALA C 223 2.73 11.58 15.28
N GLU C 224 3.90 12.13 14.97
CA GLU C 224 4.96 12.21 15.97
C GLU C 224 4.58 13.13 17.11
N GLU C 225 4.06 14.32 16.78
CA GLU C 225 3.81 15.32 17.82
C GLU C 225 2.65 14.93 18.72
N MET C 226 1.61 14.26 18.19
CA MET C 226 0.49 13.89 19.04
C MET C 226 0.87 12.76 19.99
N VAL C 227 1.65 11.80 19.52
CA VAL C 227 2.17 10.76 20.40
C VAL C 227 3.09 11.37 21.45
N HIS C 228 3.95 12.32 21.05
CA HIS C 228 4.84 12.96 22.01
C HIS C 228 4.05 13.73 23.07
N ARG C 229 2.98 14.41 22.66
CA ARG C 229 2.15 15.13 23.61
C ARG C 229 1.43 14.17 24.55
N LYS C 230 0.96 13.03 24.04
CA LYS C 230 0.33 12.03 24.90
C LYS C 230 1.32 11.50 25.93
N LEU C 231 2.55 11.22 25.51
CA LEU C 231 3.57 10.74 26.44
C LEU C 231 3.90 11.80 27.48
N ASP C 232 3.99 13.07 27.05
CA ASP C 232 4.28 14.15 27.98
C ASP C 232 3.16 14.31 29.01
N ARG C 233 1.90 14.24 28.56
CA ARG C 233 0.78 14.41 29.47
C ARG C 233 0.58 13.20 30.37
N GLU C 234 1.06 12.02 29.97
CA GLU C 234 0.96 10.85 30.83
C GLU C 234 2.15 10.69 31.76
N ASP C 235 3.29 11.32 31.46
CA ASP C 235 4.48 11.22 32.29
C ASP C 235 4.87 12.55 32.91
N GLN C 236 5.06 13.59 32.10
CA GLN C 236 5.49 14.88 32.64
C GLN C 236 4.36 15.57 33.40
N GLY C 237 3.14 15.57 32.85
CA GLY C 237 2.03 16.23 33.49
C GLY C 237 1.40 15.46 34.62
N SER C 238 1.71 14.17 34.74
CA SER C 238 1.15 13.34 35.80
C SER C 238 2.26 12.62 36.56
N HIS C 239 1.89 11.65 37.39
CA HIS C 239 2.87 10.87 38.14
C HIS C 239 2.51 9.39 38.14
#